data_8YEN
#
_entry.id   8YEN
#
_cell.length_a   93.310
_cell.length_b   48.620
_cell.length_c   112.640
_cell.angle_alpha   90.000
_cell.angle_beta   105.884
_cell.angle_gamma   90.000
#
_symmetry.space_group_name_H-M   'P 1 21 1'
#
_entity_poly.entity_id   1
_entity_poly.type   'polypeptide(L)'
_entity_poly.pdbx_seq_one_letter_code
;MGSSHHHHHHSSGLVPRGSHMASMTGGQQMGRGSEFMTSLLTPNTALSFDLSSKKYGQLIDGRLVDGADEMPVLDPGTAA
RIATTPVASSEQLDQAVQAARRALPGWAALGYDERSKVLHAVADVLAAHHEELAQLTTLEQGKPIGEARDDVAWSIDFTR
YFADYRLDTEILRDDASSYVELRRKPVGVVGAITPWNFPLFQAVYKLAPALIVGNTMVLKPSPTTPLATMHFAELVREVI
PAGVFNVVGDGGDLGPLLTSHEGIDKVSFTGSTVTGRHVMAAAGPTLKRLTLELGGNDAAIVLDDADIEKTADGLCNWAF
ANAGQVCVSIKRIYAPASLYEPLVEALAQRVSALTVGHGLDPLTQLGPVQNATAFQKAREALEMAARDGRVVAGGEVLDQ
PGYYVQPTLVRDLDENSPLVREETFAPIRSVMLYDDLDDAIERANDTQYGLGGSVWGSDVERAIEVGARLNVGTSWINHH
FQLTPDVPFGGIKQSGLGAEFGRSGIEEFTNVHVVNLKRS
;
_entity_poly.pdbx_strand_id   A,B
#
# COMPACT_ATOMS: atom_id res chain seq x y z
N PRO A 43 43.55 -8.04 -5.60
CA PRO A 43 44.28 -7.20 -6.54
C PRO A 43 44.20 -5.71 -6.16
N ASN A 44 45.10 -4.86 -6.67
CA ASN A 44 45.08 -3.45 -6.29
C ASN A 44 44.22 -2.67 -7.27
N THR A 45 43.73 -1.55 -6.75
CA THR A 45 42.73 -0.64 -7.24
C THR A 45 43.22 0.33 -8.33
N ALA A 46 42.23 0.92 -8.99
CA ALA A 46 42.35 2.13 -9.79
C ALA A 46 41.98 3.38 -8.99
N LEU A 47 41.88 3.27 -7.68
CA LEU A 47 41.43 4.39 -6.86
C LEU A 47 42.45 5.52 -6.86
N SER A 48 41.93 6.75 -6.95
CA SER A 48 42.71 7.98 -6.90
C SER A 48 43.08 8.41 -5.47
N PHE A 49 42.78 7.59 -4.47
CA PHE A 49 42.99 8.01 -3.08
C PHE A 49 43.25 6.74 -2.26
N ASP A 50 43.78 6.93 -1.07
CA ASP A 50 44.09 5.79 -0.21
C ASP A 50 42.85 5.42 0.59
N LEU A 51 42.26 4.28 0.25
CA LEU A 51 40.96 3.91 0.81
C LEU A 51 41.06 3.55 2.30
N SER A 52 42.17 2.94 2.72
CA SER A 52 42.27 2.48 4.10
C SER A 52 42.32 3.63 5.11
N SER A 53 42.90 4.77 4.73
CA SER A 53 43.00 5.91 5.63
C SER A 53 41.91 6.93 5.43
N LYS A 54 41.08 6.79 4.40
CA LYS A 54 40.07 7.80 4.12
C LYS A 54 39.01 7.85 5.22
N LYS A 55 38.70 9.06 5.67
CA LYS A 55 37.67 9.26 6.67
C LYS A 55 36.34 9.54 5.97
N TYR A 56 35.30 8.85 6.40
CA TYR A 56 33.98 8.95 5.82
C TYR A 56 33.05 9.58 6.84
N GLY A 57 32.16 10.44 6.36
CA GLY A 57 31.17 11.05 7.23
C GLY A 57 29.78 10.68 6.75
N GLN A 58 28.81 10.73 7.66
CA GLN A 58 27.41 10.59 7.28
C GLN A 58 26.91 11.91 6.73
N LEU A 59 26.05 11.85 5.72
CA LEU A 59 25.49 13.07 5.14
C LEU A 59 24.24 13.43 5.95
N ILE A 60 24.35 14.47 6.77
CA ILE A 60 23.21 14.96 7.53
C ILE A 60 23.14 16.46 7.31
N ASP A 61 22.02 16.92 6.75
CA ASP A 61 21.77 18.34 6.58
C ASP A 61 22.90 19.02 5.79
N GLY A 62 23.35 18.38 4.72
CA GLY A 62 24.38 19.01 3.90
C GLY A 62 25.76 19.02 4.51
N ARG A 63 25.97 18.37 5.64
CA ARG A 63 27.29 18.35 6.27
C ARG A 63 27.72 16.92 6.49
N LEU A 64 29.04 16.71 6.52
CA LEU A 64 29.60 15.40 6.84
C LEU A 64 29.76 15.31 8.35
N VAL A 65 29.07 14.35 8.96
CA VAL A 65 29.02 14.21 10.41
C VAL A 65 29.69 12.90 10.79
N ASP A 66 30.62 12.96 11.73
CA ASP A 66 31.28 11.75 12.16
C ASP A 66 30.29 10.89 12.91
N GLY A 67 30.49 9.58 12.79
CA GLY A 67 29.60 8.65 13.44
C GLY A 67 29.85 8.60 14.94
N ALA A 68 28.79 8.21 15.66
CA ALA A 68 28.93 7.90 17.08
C ALA A 68 29.90 6.74 17.29
N ASP A 69 29.89 5.77 16.37
CA ASP A 69 30.87 4.69 16.38
C ASP A 69 31.38 4.51 14.94
N GLU A 70 32.41 3.70 14.76
CA GLU A 70 32.90 3.38 13.43
C GLU A 70 32.87 1.86 13.23
N MET A 71 32.69 1.44 11.97
CA MET A 71 32.57 0.04 11.56
C MET A 71 33.64 -0.28 10.52
N PRO A 72 34.39 -1.36 10.71
CA PRO A 72 35.33 -1.79 9.66
C PRO A 72 34.57 -2.40 8.48
N VAL A 73 35.08 -2.14 7.28
CA VAL A 73 34.54 -2.67 6.04
C VAL A 73 35.56 -3.66 5.50
N LEU A 74 35.14 -4.92 5.40
CA LEU A 74 35.93 -6.00 4.82
C LEU A 74 35.73 -6.07 3.31
N ASP A 75 36.64 -6.79 2.67
CA ASP A 75 36.58 -7.13 1.26
C ASP A 75 36.19 -8.59 1.17
N PRO A 76 35.04 -8.95 0.60
CA PRO A 76 34.68 -10.38 0.53
C PRO A 76 35.69 -11.23 -0.23
N GLY A 77 36.36 -10.66 -1.23
CA GLY A 77 37.35 -11.30 -2.07
C GLY A 77 38.66 -11.64 -1.39
N THR A 78 38.97 -11.00 -0.26
CA THR A 78 40.19 -11.31 0.49
C THR A 78 39.92 -11.59 1.96
N ALA A 79 38.73 -11.30 2.47
CA ALA A 79 38.43 -11.42 3.88
C ALA A 79 39.33 -10.54 4.73
N ALA A 80 39.71 -9.37 4.22
CA ALA A 80 40.59 -8.45 4.93
C ALA A 80 39.95 -7.06 5.07
N ARG A 81 40.22 -6.37 6.19
CA ARG A 81 39.67 -5.04 6.35
C ARG A 81 40.22 -4.12 5.27
N ILE A 82 39.33 -3.34 4.64
CA ILE A 82 39.74 -2.38 3.61
C ILE A 82 39.37 -0.95 3.93
N ALA A 83 38.44 -0.69 4.85
CA ALA A 83 38.08 0.69 5.09
C ALA A 83 37.36 0.83 6.43
N THR A 84 37.06 2.06 6.81
CA THR A 84 36.28 2.38 8.01
C THR A 84 35.14 3.34 7.69
N THR A 85 33.93 3.02 8.15
CA THR A 85 32.80 3.88 7.87
C THR A 85 32.05 4.22 9.14
N PRO A 86 31.40 5.37 9.18
CA PRO A 86 30.70 5.78 10.41
C PRO A 86 29.40 5.03 10.61
N VAL A 87 29.08 4.81 11.88
CA VAL A 87 27.85 4.19 12.29
C VAL A 87 27.16 5.21 13.20
N ALA A 88 25.89 5.46 12.93
CA ALA A 88 25.11 6.48 13.62
C ALA A 88 24.44 5.97 14.88
N SER A 89 24.28 6.88 15.84
CA SER A 89 23.50 6.71 17.05
C SER A 89 22.02 7.02 16.82
N SER A 90 21.20 6.75 17.84
CA SER A 90 19.78 7.09 17.73
C SER A 90 19.61 8.60 17.58
N GLU A 91 20.47 9.37 18.27
CA GLU A 91 20.41 10.82 18.18
C GLU A 91 20.74 11.33 16.77
N GLN A 92 21.75 10.74 16.11
CA GLN A 92 22.06 11.15 14.74
C GLN A 92 20.94 10.77 13.77
N LEU A 93 20.27 9.63 14.01
CA LEU A 93 19.11 9.29 13.20
C LEU A 93 18.01 10.33 13.36
N ASP A 94 17.77 10.80 14.59
CA ASP A 94 16.79 11.85 14.82
C ASP A 94 17.20 13.15 14.14
N GLN A 95 18.49 13.48 14.18
CA GLN A 95 18.98 14.67 13.50
C GLN A 95 18.66 14.60 12.01
N ALA A 96 18.97 13.46 11.38
CA ALA A 96 18.75 13.32 9.95
C ALA A 96 17.27 13.36 9.59
N VAL A 97 16.43 12.72 10.40
CA VAL A 97 15.00 12.79 10.14
C VAL A 97 14.52 14.22 10.24
N GLN A 98 14.98 14.95 11.28
CA GLN A 98 14.55 16.33 11.46
C GLN A 98 15.00 17.20 10.30
N ALA A 99 16.24 17.01 9.85
CA ALA A 99 16.75 17.78 8.72
C ALA A 99 15.91 17.52 7.47
N ALA A 100 15.55 16.25 7.21
CA ALA A 100 14.70 15.95 6.07
C ALA A 100 13.34 16.65 6.19
N ARG A 101 12.75 16.64 7.39
CA ARG A 101 11.49 17.36 7.60
C ARG A 101 11.66 18.85 7.36
N ARG A 102 12.76 19.44 7.84
CA ARG A 102 12.99 20.87 7.63
C ARG A 102 13.09 21.18 6.14
N ALA A 103 13.80 20.33 5.40
CA ALA A 103 14.00 20.55 3.97
C ALA A 103 12.74 20.25 3.15
N LEU A 104 11.76 19.56 3.74
CA LEU A 104 10.58 19.11 3.00
C LEU A 104 9.78 20.21 2.30
N PRO A 105 9.36 21.28 3.00
CA PRO A 105 8.52 22.31 2.33
C PRO A 105 9.23 23.05 1.23
N GLY A 106 10.48 23.48 1.45
CA GLY A 106 11.18 24.16 0.37
C GLY A 106 11.42 23.26 -0.83
N TRP A 107 11.83 22.02 -0.59
CA TRP A 107 12.11 21.11 -1.70
C TRP A 107 10.85 20.83 -2.48
N ALA A 108 9.73 20.58 -1.78
CA ALA A 108 8.47 20.35 -2.48
C ALA A 108 8.01 21.60 -3.22
N ALA A 109 8.20 22.78 -2.63
CA ALA A 109 7.76 23.99 -3.32
C ALA A 109 8.61 24.30 -4.52
N LEU A 110 9.82 23.74 -4.58
CA LEU A 110 10.74 24.04 -5.67
C LEU A 110 10.15 23.76 -7.04
N GLY A 111 9.34 22.71 -7.16
CA GLY A 111 8.76 22.43 -8.47
C GLY A 111 9.56 21.39 -9.27
N TYR A 112 8.88 20.79 -10.25
CA TYR A 112 9.47 19.70 -11.02
C TYR A 112 10.68 20.14 -11.82
N ASP A 113 10.58 21.30 -12.46
CA ASP A 113 11.65 21.73 -13.34
C ASP A 113 12.95 21.97 -12.58
N GLU A 114 12.88 22.53 -11.38
CA GLU A 114 14.10 22.89 -10.69
C GLU A 114 14.70 21.71 -9.91
N ARG A 115 13.86 20.80 -9.41
CA ARG A 115 14.33 19.54 -8.84
C ARG A 115 14.98 18.69 -9.93
N SER A 116 14.49 18.83 -11.16
CA SER A 116 15.06 18.12 -12.30
C SER A 116 16.53 18.46 -12.49
N LYS A 117 16.90 19.75 -12.32
CA LYS A 117 18.30 20.11 -12.48
C LYS A 117 19.18 19.41 -11.44
N VAL A 118 18.67 19.28 -10.22
CA VAL A 118 19.40 18.59 -9.16
C VAL A 118 19.59 17.10 -9.48
N LEU A 119 18.55 16.43 -9.99
CA LEU A 119 18.73 15.02 -10.36
C LEU A 119 19.73 14.87 -11.51
N HIS A 120 19.68 15.77 -12.49
CA HIS A 120 20.64 15.71 -13.58
C HIS A 120 22.06 15.92 -13.08
N ALA A 121 22.23 16.83 -12.12
CA ALA A 121 23.54 17.04 -11.53
C ALA A 121 24.02 15.79 -10.80
N VAL A 122 23.10 15.09 -10.13
CA VAL A 122 23.49 13.85 -9.45
C VAL A 122 23.93 12.80 -10.46
N ALA A 123 23.19 12.67 -11.57
CA ALA A 123 23.59 11.74 -12.61
C ALA A 123 24.94 12.13 -13.20
N ASP A 124 25.21 13.43 -13.34
CA ASP A 124 26.52 13.86 -13.84
C ASP A 124 27.63 13.43 -12.89
N VAL A 125 27.42 13.60 -11.59
CA VAL A 125 28.43 13.16 -10.64
C VAL A 125 28.62 11.65 -10.76
N LEU A 126 27.54 10.91 -10.97
CA LEU A 126 27.68 9.47 -11.15
C LEU A 126 28.53 9.15 -12.37
N ALA A 127 28.26 9.83 -13.48
CA ALA A 127 29.04 9.58 -14.69
C ALA A 127 30.52 9.91 -14.49
N ALA A 128 30.80 11.03 -13.82
CA ALA A 128 32.17 11.48 -13.61
C ALA A 128 32.98 10.54 -12.73
N HIS A 129 32.33 9.84 -11.79
CA HIS A 129 33.00 8.93 -10.87
C HIS A 129 32.54 7.49 -11.10
N HIS A 130 32.10 7.19 -12.32
CA HIS A 130 31.57 5.88 -12.67
C HIS A 130 32.54 4.75 -12.31
N GLU A 131 33.79 4.81 -12.78
CA GLU A 131 34.72 3.74 -12.46
C GLU A 131 35.04 3.70 -10.97
N GLU A 132 35.17 4.86 -10.33
CA GLU A 132 35.47 4.89 -8.90
C GLU A 132 34.39 4.17 -8.11
N LEU A 133 33.13 4.55 -8.36
CA LEU A 133 32.02 3.97 -7.62
C LEU A 133 31.90 2.48 -7.93
N ALA A 134 32.15 2.09 -9.18
CA ALA A 134 32.10 0.67 -9.50
C ALA A 134 33.18 -0.11 -8.73
N GLN A 135 34.42 0.43 -8.68
CA GLN A 135 35.47 -0.22 -7.89
C GLN A 135 35.07 -0.35 -6.44
N LEU A 136 34.49 0.72 -5.86
CA LEU A 136 34.10 0.67 -4.46
C LEU A 136 33.04 -0.39 -4.23
N THR A 137 32.13 -0.53 -5.19
CA THR A 137 31.08 -1.54 -5.07
C THR A 137 31.64 -2.96 -5.18
N THR A 138 32.58 -3.18 -6.10
CA THR A 138 33.22 -4.49 -6.14
C THR A 138 33.98 -4.78 -4.86
N LEU A 139 34.64 -3.76 -4.31
CA LEU A 139 35.49 -3.98 -3.14
C LEU A 139 34.67 -4.41 -1.94
N GLU A 140 33.51 -3.80 -1.72
CA GLU A 140 32.76 -4.20 -0.53
C GLU A 140 31.73 -5.28 -0.79
N GLN A 141 31.08 -5.26 -1.95
CA GLN A 141 30.06 -6.26 -2.26
C GLN A 141 30.67 -7.56 -2.82
N GLY A 142 31.72 -7.46 -3.62
CA GLY A 142 32.40 -8.63 -4.13
C GLY A 142 32.06 -9.03 -5.55
N LYS A 143 31.17 -8.29 -6.22
CA LYS A 143 30.80 -8.74 -7.55
C LYS A 143 31.87 -8.38 -8.57
N PRO A 144 31.86 -9.05 -9.73
CA PRO A 144 32.85 -8.73 -10.77
C PRO A 144 32.75 -7.26 -11.18
N ILE A 145 33.92 -6.68 -11.44
CA ILE A 145 34.03 -5.25 -11.70
C ILE A 145 33.09 -4.83 -12.84
N GLY A 146 32.90 -5.71 -13.82
CA GLY A 146 31.95 -5.42 -14.89
C GLY A 146 30.51 -5.36 -14.41
N GLU A 147 30.12 -6.28 -13.53
CA GLU A 147 28.76 -6.22 -12.99
C GLU A 147 28.55 -4.91 -12.21
N ALA A 148 29.58 -4.48 -11.49
CA ALA A 148 29.50 -3.22 -10.79
C ALA A 148 29.38 -2.04 -11.77
N ARG A 149 30.12 -2.09 -12.89
CA ARG A 149 29.99 -1.03 -13.87
C ARG A 149 28.57 -0.95 -14.38
N ASP A 150 27.94 -2.11 -14.60
CA ASP A 150 26.53 -2.12 -14.98
C ASP A 150 25.65 -1.50 -13.90
N ASP A 151 25.98 -1.75 -12.63
CA ASP A 151 25.20 -1.12 -11.55
C ASP A 151 25.25 0.41 -11.65
N VAL A 152 26.44 0.98 -11.87
CA VAL A 152 26.55 2.42 -11.94
C VAL A 152 25.82 2.95 -13.17
N ALA A 153 25.93 2.23 -14.29
CA ALA A 153 25.22 2.65 -15.51
C ALA A 153 23.72 2.65 -15.30
N TRP A 154 23.22 1.62 -14.63
CA TRP A 154 21.81 1.52 -14.33
C TRP A 154 21.36 2.67 -13.45
N SER A 155 22.15 3.00 -12.44
CA SER A 155 21.81 4.15 -11.60
C SER A 155 21.71 5.40 -12.45
N ILE A 156 22.68 5.62 -13.35
CA ILE A 156 22.69 6.84 -14.14
C ILE A 156 21.43 6.91 -14.99
N ASP A 157 21.03 5.78 -15.58
CA ASP A 157 19.90 5.82 -16.48
C ASP A 157 18.58 5.95 -15.73
N PHE A 158 18.44 5.27 -14.59
CA PHE A 158 17.25 5.48 -13.78
C PHE A 158 17.16 6.94 -13.33
N THR A 159 18.29 7.52 -12.94
CA THR A 159 18.33 8.89 -12.46
C THR A 159 17.91 9.87 -13.55
N ARG A 160 18.44 9.70 -14.77
CA ARG A 160 18.08 10.61 -15.86
C ARG A 160 16.62 10.43 -16.25
N TYR A 161 16.14 9.19 -16.31
CA TYR A 161 14.74 8.98 -16.67
C TYR A 161 13.83 9.75 -15.72
N PHE A 162 14.03 9.56 -14.41
CA PHE A 162 13.16 10.24 -13.46
C PHE A 162 13.46 11.73 -13.37
N ALA A 163 14.69 12.15 -13.72
CA ALA A 163 14.97 13.57 -13.80
C ALA A 163 14.06 14.25 -14.82
N ASP A 164 13.67 13.52 -15.86
CA ASP A 164 12.76 14.11 -16.83
C ASP A 164 11.29 13.79 -16.57
N TYR A 165 10.95 13.08 -15.49
CA TYR A 165 9.57 12.72 -15.25
C TYR A 165 8.74 13.93 -14.81
N ARG A 166 7.46 13.94 -15.24
CA ARG A 166 6.51 15.01 -14.93
C ARG A 166 5.20 14.39 -14.48
N LEU A 167 4.64 14.90 -13.37
CA LEU A 167 3.33 14.51 -12.87
C LEU A 167 2.43 15.72 -12.92
N ASP A 168 1.29 15.59 -13.60
CA ASP A 168 0.38 16.71 -13.86
C ASP A 168 -0.93 16.57 -13.10
N THR A 169 -1.58 17.71 -12.93
CA THR A 169 -2.92 17.69 -12.38
C THR A 169 -3.86 17.11 -13.44
N GLU A 170 -4.79 16.28 -12.99
CA GLU A 170 -5.78 15.66 -13.83
C GLU A 170 -7.10 16.38 -13.62
N ILE A 171 -7.80 16.72 -14.69
CA ILE A 171 -9.15 17.25 -14.56
C ILE A 171 -10.05 16.02 -14.65
N LEU A 172 -10.53 15.56 -13.51
CA LEU A 172 -11.43 14.41 -13.55
C LEU A 172 -12.85 14.82 -13.83
N ARG A 173 -13.23 16.05 -13.50
CA ARG A 173 -14.58 16.51 -13.84
C ARG A 173 -14.55 18.00 -14.17
N ASP A 174 -15.16 18.40 -15.30
CA ASP A 174 -15.37 19.82 -15.63
C ASP A 174 -16.74 20.01 -16.31
N ASP A 175 -17.79 19.80 -15.54
CA ASP A 175 -19.15 19.94 -16.02
C ASP A 175 -19.74 21.23 -15.44
N ALA A 176 -21.04 21.42 -15.67
CA ALA A 176 -21.66 22.64 -15.19
C ALA A 176 -21.67 22.70 -13.66
N SER A 177 -21.89 21.56 -13.01
CA SER A 177 -22.06 21.53 -11.57
C SER A 177 -20.78 21.37 -10.76
N SER A 178 -19.69 20.87 -11.36
CA SER A 178 -18.53 20.49 -10.57
C SER A 178 -17.23 20.77 -11.30
N TYR A 179 -16.18 20.95 -10.52
CA TYR A 179 -14.81 21.02 -11.04
C TYR A 179 -13.94 20.20 -10.11
N VAL A 180 -13.41 19.09 -10.59
CA VAL A 180 -12.64 18.16 -9.77
C VAL A 180 -11.31 17.89 -10.43
N GLU A 181 -10.24 18.20 -9.72
CA GLU A 181 -8.91 17.89 -10.18
C GLU A 181 -8.20 17.00 -9.17
N LEU A 182 -7.39 16.08 -9.69
CA LEU A 182 -6.58 15.19 -8.89
C LEU A 182 -5.16 15.71 -8.98
N ARG A 183 -4.59 16.08 -7.84
CA ARG A 183 -3.20 16.52 -7.75
C ARG A 183 -2.44 15.42 -7.02
N ARG A 184 -1.16 15.27 -7.33
CA ARG A 184 -0.34 14.27 -6.67
C ARG A 184 0.73 15.00 -5.87
N LYS A 185 0.68 14.87 -4.57
CA LYS A 185 1.61 15.62 -3.73
C LYS A 185 2.58 14.65 -3.07
N PRO A 186 3.76 15.13 -2.67
CA PRO A 186 4.74 14.21 -2.11
C PRO A 186 4.26 13.56 -0.83
N VAL A 187 4.60 12.28 -0.67
CA VAL A 187 4.23 11.51 0.52
C VAL A 187 4.85 12.10 1.78
N GLY A 188 6.07 12.62 1.68
CA GLY A 188 6.73 13.17 2.85
C GLY A 188 8.22 12.88 3.00
N VAL A 189 8.64 12.51 4.21
CA VAL A 189 10.00 12.02 4.40
C VAL A 189 10.00 10.51 4.18
N VAL A 190 10.90 10.07 3.34
CA VAL A 190 11.04 8.66 3.00
C VAL A 190 12.26 8.09 3.70
N GLY A 191 12.06 7.04 4.44
CA GLY A 191 13.14 6.26 5.01
C GLY A 191 13.38 5.09 4.08
N ALA A 192 14.56 5.05 3.50
CA ALA A 192 14.89 4.00 2.55
C ALA A 192 15.89 3.08 3.21
N ILE A 193 15.67 1.78 3.06
CA ILE A 193 16.58 0.75 3.57
C ILE A 193 17.01 -0.17 2.44
N THR A 194 18.31 -0.29 2.24
CA THR A 194 18.85 -1.02 1.12
C THR A 194 19.68 -2.22 1.57
N PRO A 195 19.65 -3.31 0.79
CA PRO A 195 20.38 -4.53 1.17
C PRO A 195 21.79 -4.54 0.60
N TRP A 196 22.46 -5.68 0.67
CA TRP A 196 23.86 -5.78 0.29
C TRP A 196 24.14 -6.42 -1.07
N ASN A 197 23.13 -6.86 -1.84
CA ASN A 197 23.44 -7.41 -3.16
C ASN A 197 23.74 -6.32 -4.21
N PHE A 198 23.00 -5.19 -4.20
CA PHE A 198 23.19 -4.12 -5.19
C PHE A 198 23.17 -2.75 -4.48
N PRO A 199 24.10 -2.51 -3.55
CA PRO A 199 23.96 -1.35 -2.64
C PRO A 199 23.72 0.01 -3.28
N LEU A 200 24.68 0.48 -4.10
CA LEU A 200 24.57 1.83 -4.66
C LEU A 200 23.38 1.96 -5.61
N PHE A 201 23.16 0.96 -6.46
CA PHE A 201 22.06 1.01 -7.41
C PHE A 201 20.72 1.06 -6.69
N GLN A 202 20.55 0.21 -5.66
CA GLN A 202 19.29 0.15 -4.94
C GLN A 202 19.03 1.46 -4.22
N ALA A 203 20.09 2.07 -3.70
CA ALA A 203 19.92 3.39 -3.12
C ALA A 203 19.45 4.41 -4.17
N VAL A 204 20.10 4.42 -5.34
CA VAL A 204 19.76 5.44 -6.33
C VAL A 204 18.37 5.21 -6.91
N TYR A 205 17.98 3.97 -7.12
CA TYR A 205 16.65 3.78 -7.67
C TYR A 205 15.56 4.03 -6.64
N LYS A 206 15.87 3.96 -5.35
CA LYS A 206 14.90 4.51 -4.42
C LYS A 206 14.95 6.04 -4.43
N LEU A 207 16.14 6.59 -4.61
CA LEU A 207 16.39 8.01 -4.45
C LEU A 207 15.77 8.86 -5.55
N ALA A 208 15.98 8.46 -6.81
CA ALA A 208 15.61 9.32 -7.94
C ALA A 208 14.12 9.56 -8.02
N PRO A 209 13.26 8.54 -8.04
CA PRO A 209 11.82 8.80 -8.09
C PRO A 209 11.31 9.51 -6.85
N ALA A 210 11.88 9.25 -5.66
CA ALA A 210 11.39 9.92 -4.47
C ALA A 210 11.63 11.43 -4.54
N LEU A 211 12.83 11.83 -4.96
CA LEU A 211 13.18 13.25 -4.99
C LEU A 211 12.45 13.98 -6.11
N ILE A 212 12.33 13.37 -7.30
CA ILE A 212 11.74 14.14 -8.40
C ILE A 212 10.32 14.59 -8.04
N VAL A 213 9.56 13.74 -7.33
CA VAL A 213 8.20 14.15 -6.98
C VAL A 213 8.12 15.07 -5.77
N GLY A 214 9.23 15.29 -5.05
CA GLY A 214 9.23 16.26 -3.97
C GLY A 214 9.44 15.73 -2.57
N ASN A 215 9.75 14.45 -2.40
CA ASN A 215 10.01 13.93 -1.06
C ASN A 215 11.45 14.20 -0.65
N THR A 216 11.69 14.06 0.64
CA THR A 216 13.03 14.10 1.19
C THR A 216 13.34 12.71 1.73
N MET A 217 14.62 12.41 1.89
CA MET A 217 14.99 11.02 2.17
C MET A 217 16.05 10.86 3.25
N VAL A 218 15.89 9.83 4.06
CA VAL A 218 16.94 9.30 4.92
C VAL A 218 17.21 7.84 4.53
N LEU A 219 18.44 7.54 4.17
CA LEU A 219 18.82 6.24 3.67
C LEU A 219 19.74 5.55 4.67
N LYS A 220 19.44 4.28 4.95
CA LYS A 220 20.29 3.43 5.78
C LYS A 220 20.77 2.23 4.96
N PRO A 221 22.04 2.17 4.57
CA PRO A 221 22.54 1.01 3.85
C PRO A 221 22.74 -0.17 4.78
N SER A 222 22.96 -1.33 4.16
CA SER A 222 23.26 -2.54 4.90
C SER A 222 24.53 -2.37 5.74
N PRO A 223 24.56 -2.92 6.95
CA PRO A 223 25.80 -2.86 7.74
C PRO A 223 27.02 -3.40 7.00
N THR A 224 26.90 -4.45 6.19
CA THR A 224 28.09 -4.97 5.48
C THR A 224 28.41 -4.27 4.18
N THR A 225 27.61 -3.32 3.69
CA THR A 225 27.94 -2.59 2.46
C THR A 225 27.59 -1.11 2.57
N PRO A 226 28.32 -0.37 3.34
CA PRO A 226 28.10 1.09 3.35
C PRO A 226 29.04 1.86 2.46
N LEU A 227 30.07 1.21 1.90
CA LEU A 227 31.17 1.97 1.30
C LEU A 227 30.72 2.78 0.09
N ALA A 228 30.11 2.15 -0.90
CA ALA A 228 29.78 2.89 -2.12
C ALA A 228 28.69 3.93 -1.85
N THR A 229 27.75 3.63 -0.93
CA THR A 229 26.71 4.58 -0.58
C THR A 229 27.26 5.80 0.15
N MET A 230 28.10 5.57 1.17
CA MET A 230 28.71 6.69 1.89
C MET A 230 29.54 7.54 0.94
N HIS A 231 30.30 6.89 0.05
CA HIS A 231 31.14 7.63 -0.88
C HIS A 231 30.29 8.47 -1.84
N PHE A 232 29.23 7.87 -2.39
CA PHE A 232 28.34 8.62 -3.26
C PHE A 232 27.70 9.80 -2.51
N ALA A 233 27.31 9.58 -1.26
CA ALA A 233 26.72 10.65 -0.49
C ALA A 233 27.68 11.80 -0.34
N GLU A 234 28.97 11.49 -0.11
CA GLU A 234 29.96 12.56 -0.03
C GLU A 234 30.06 13.31 -1.34
N LEU A 235 30.03 12.59 -2.46
CA LEU A 235 30.13 13.26 -3.76
C LEU A 235 28.96 14.23 -4.03
N VAL A 236 27.75 13.95 -3.53
CA VAL A 236 26.61 14.78 -3.91
C VAL A 236 26.19 15.73 -2.80
N ARG A 237 27.01 15.90 -1.76
CA ARG A 237 26.61 16.68 -0.59
C ARG A 237 26.29 18.14 -0.95
N GLU A 238 27.00 18.71 -1.93
CA GLU A 238 26.71 20.06 -2.38
C GLU A 238 25.79 20.09 -3.60
N VAL A 239 25.60 18.98 -4.30
CA VAL A 239 24.69 18.97 -5.44
C VAL A 239 23.23 19.01 -4.96
N ILE A 240 22.91 18.22 -3.94
CA ILE A 240 21.58 18.08 -3.40
C ILE A 240 21.38 19.09 -2.29
N PRO A 241 20.26 19.80 -2.27
CA PRO A 241 20.04 20.78 -1.19
C PRO A 241 20.04 20.11 0.17
N ALA A 242 20.61 20.80 1.15
CA ALA A 242 20.84 20.26 2.49
C ALA A 242 19.58 19.69 3.10
N GLY A 243 19.69 18.46 3.59
CA GLY A 243 18.60 17.78 4.26
C GLY A 243 17.63 17.09 3.33
N VAL A 244 17.69 17.35 2.01
CA VAL A 244 16.82 16.64 1.09
C VAL A 244 17.19 15.16 1.05
N PHE A 245 18.49 14.89 1.10
CA PHE A 245 19.02 13.54 1.14
C PHE A 245 20.00 13.43 2.29
N ASN A 246 19.79 12.44 3.15
CA ASN A 246 20.66 12.17 4.29
C ASN A 246 20.92 10.69 4.34
N VAL A 247 22.14 10.31 4.70
CA VAL A 247 22.53 8.90 4.79
C VAL A 247 23.15 8.65 6.16
N VAL A 248 22.74 7.57 6.81
CA VAL A 248 23.21 7.26 8.16
C VAL A 248 23.79 5.86 8.20
N GLY A 249 24.91 5.69 8.90
CA GLY A 249 25.57 4.39 8.99
C GLY A 249 24.89 3.46 9.98
N ASP A 250 24.79 2.18 9.58
CA ASP A 250 24.11 1.17 10.38
C ASP A 250 25.14 0.22 10.97
N GLY A 251 25.10 0.08 12.30
CA GLY A 251 25.90 -0.88 13.02
C GLY A 251 25.18 -2.21 13.22
N GLY A 252 24.05 -2.41 12.56
CA GLY A 252 23.27 -3.63 12.63
C GLY A 252 21.99 -3.52 13.44
N ASP A 253 21.73 -2.39 14.06
CA ASP A 253 20.58 -2.19 14.92
C ASP A 253 19.68 -1.02 14.50
N LEU A 254 20.11 -0.20 13.55
CA LEU A 254 19.44 1.06 13.25
C LEU A 254 18.09 0.86 12.55
N GLY A 255 17.91 -0.25 11.83
CA GLY A 255 16.77 -0.46 10.97
C GLY A 255 15.42 -0.36 11.66
N PRO A 256 15.23 -1.14 12.73
CA PRO A 256 13.94 -1.04 13.45
C PRO A 256 13.69 0.37 13.96
N LEU A 257 14.73 1.06 14.40
CA LEU A 257 14.55 2.45 14.81
C LEU A 257 14.04 3.30 13.66
N LEU A 258 14.57 3.09 12.46
CA LEU A 258 14.13 3.92 11.34
C LEU A 258 12.70 3.60 10.95
N THR A 259 12.35 2.32 10.92
CA THR A 259 11.04 1.94 10.41
C THR A 259 9.93 2.33 11.36
N SER A 260 10.22 2.58 12.63
CA SER A 260 9.20 3.00 13.57
C SER A 260 9.30 4.48 13.92
N HIS A 261 10.17 5.23 13.23
CA HIS A 261 10.39 6.64 13.58
C HIS A 261 9.15 7.51 13.37
N GLU A 262 8.91 8.42 14.32
CA GLU A 262 7.74 9.30 14.25
C GLU A 262 7.81 10.21 13.02
N GLY A 263 9.00 10.68 12.66
CA GLY A 263 9.25 11.62 11.56
C GLY A 263 9.16 11.04 10.15
N ILE A 264 9.27 9.71 10.00
CA ILE A 264 9.22 9.10 8.68
C ILE A 264 7.77 8.93 8.24
N ASP A 265 7.48 9.30 6.99
CA ASP A 265 6.16 9.10 6.42
C ASP A 265 6.06 7.87 5.53
N LYS A 266 7.13 7.48 4.87
CA LYS A 266 7.05 6.28 4.06
C LYS A 266 8.34 5.50 4.22
N VAL A 267 8.23 4.19 4.23
CA VAL A 267 9.38 3.30 4.31
C VAL A 267 9.47 2.54 3.00
N SER A 268 10.63 2.61 2.36
CA SER A 268 10.95 1.86 1.16
C SER A 268 12.01 0.84 1.57
N PHE A 269 11.65 -0.43 1.66
CA PHE A 269 12.55 -1.46 2.18
C PHE A 269 12.81 -2.51 1.12
N THR A 270 14.08 -2.83 0.90
CA THR A 270 14.45 -4.01 0.12
C THR A 270 15.28 -4.93 1.01
N GLY A 271 14.93 -6.22 1.03
CA GLY A 271 15.60 -7.17 1.89
C GLY A 271 14.92 -8.52 1.91
N SER A 272 15.14 -9.25 3.00
CA SER A 272 14.54 -10.57 3.18
C SER A 272 13.05 -10.48 3.49
N THR A 273 12.33 -11.57 3.19
CA THR A 273 10.90 -11.63 3.50
C THR A 273 10.63 -11.56 5.01
N VAL A 274 11.45 -12.24 5.83
CA VAL A 274 11.28 -12.19 7.29
C VAL A 274 11.43 -10.77 7.80
N THR A 275 12.48 -10.09 7.35
CA THR A 275 12.67 -8.71 7.74
C THR A 275 11.51 -7.85 7.26
N GLY A 276 10.98 -8.15 6.06
CA GLY A 276 9.86 -7.38 5.56
C GLY A 276 8.62 -7.49 6.43
N ARG A 277 8.31 -8.72 6.89
CA ARG A 277 7.20 -8.90 7.82
C ARG A 277 7.41 -8.08 9.08
N HIS A 278 8.63 -8.11 9.62
CA HIS A 278 8.91 -7.30 10.81
C HIS A 278 8.74 -5.80 10.51
N VAL A 279 9.15 -5.36 9.32
CA VAL A 279 9.02 -3.95 8.97
C VAL A 279 7.55 -3.55 8.93
N MET A 280 6.72 -4.41 8.33
CA MET A 280 5.30 -4.10 8.24
C MET A 280 4.65 -4.03 9.63
N ALA A 281 5.03 -4.94 10.53
CA ALA A 281 4.51 -4.84 11.89
C ALA A 281 4.99 -3.56 12.58
N ALA A 282 6.27 -3.21 12.39
CA ALA A 282 6.86 -2.05 13.04
C ALA A 282 6.29 -0.75 12.51
N ALA A 283 5.88 -0.70 11.25
CA ALA A 283 5.27 0.51 10.71
C ALA A 283 3.80 0.64 11.09
N GLY A 284 3.23 -0.36 11.79
CA GLY A 284 1.82 -0.38 12.10
C GLY A 284 1.33 0.78 12.95
N PRO A 285 1.98 0.99 14.11
CA PRO A 285 1.50 2.04 15.01
C PRO A 285 1.50 3.43 14.37
N THR A 286 2.42 3.68 13.44
CA THR A 286 2.52 4.97 12.78
C THR A 286 1.82 5.01 11.43
N LEU A 287 1.19 3.90 11.02
CA LEU A 287 0.42 3.82 9.77
C LEU A 287 1.24 4.30 8.57
N LYS A 288 2.48 3.83 8.49
CA LYS A 288 3.36 4.31 7.46
C LYS A 288 2.96 3.80 6.08
N ARG A 289 3.19 4.64 5.06
CA ARG A 289 3.21 4.15 3.70
C ARG A 289 4.39 3.18 3.56
N LEU A 290 4.18 2.11 2.83
CA LEU A 290 5.15 1.02 2.77
C LEU A 290 5.35 0.55 1.34
N THR A 291 6.61 0.42 0.93
CA THR A 291 6.90 -0.23 -0.32
C THR A 291 7.97 -1.28 -0.02
N LEU A 292 7.73 -2.54 -0.38
CA LEU A 292 8.59 -3.65 0.02
C LEU A 292 9.06 -4.54 -1.13
N GLU A 293 10.38 -4.65 -1.30
CA GLU A 293 11.07 -5.60 -2.17
C GLU A 293 11.68 -6.73 -1.36
N LEU A 294 11.12 -7.93 -1.47
CA LEU A 294 11.40 -8.98 -0.50
C LEU A 294 11.92 -10.30 -1.07
N GLY A 295 12.36 -10.38 -2.31
CA GLY A 295 13.03 -11.60 -2.72
C GLY A 295 12.08 -12.77 -2.96
N GLY A 296 12.59 -13.77 -3.67
CA GLY A 296 11.73 -14.82 -4.15
C GLY A 296 12.48 -16.09 -4.50
N ASN A 297 11.78 -16.96 -5.25
CA ASN A 297 12.28 -18.26 -5.71
C ASN A 297 11.97 -18.41 -7.22
N ASP A 298 12.55 -17.52 -8.03
CA ASP A 298 12.13 -17.42 -9.42
C ASP A 298 12.34 -18.75 -10.15
N ALA A 299 11.32 -19.13 -10.91
CA ALA A 299 11.37 -20.36 -11.67
C ALA A 299 11.54 -20.01 -13.14
N ALA A 300 12.29 -20.84 -13.83
CA ALA A 300 12.39 -20.81 -15.27
C ALA A 300 11.89 -22.16 -15.79
N ILE A 301 10.90 -22.11 -16.68
CA ILE A 301 10.35 -23.27 -17.35
C ILE A 301 10.81 -23.24 -18.80
N VAL A 302 11.42 -24.34 -19.25
CA VAL A 302 11.89 -24.48 -20.62
C VAL A 302 10.90 -25.36 -21.37
N LEU A 303 10.49 -24.91 -22.55
CA LEU A 303 9.56 -25.64 -23.39
C LEU A 303 10.29 -26.63 -24.28
N ASP A 304 9.54 -27.61 -24.79
CA ASP A 304 10.12 -28.68 -25.61
C ASP A 304 10.84 -28.13 -26.84
N ASP A 305 10.37 -27.03 -27.41
CA ASP A 305 10.93 -26.46 -28.64
C ASP A 305 12.10 -25.50 -28.43
N ALA A 306 12.59 -25.34 -27.20
CA ALA A 306 13.67 -24.38 -26.96
C ALA A 306 14.97 -24.81 -27.65
N ASP A 307 15.76 -23.80 -28.04
CA ASP A 307 17.12 -23.99 -28.53
C ASP A 307 18.03 -24.26 -27.33
N ILE A 308 18.69 -25.42 -27.31
CA ILE A 308 19.47 -25.82 -26.15
C ILE A 308 20.55 -24.79 -25.86
N GLU A 309 21.31 -24.37 -26.89
CA GLU A 309 22.46 -23.52 -26.63
C GLU A 309 22.07 -22.10 -26.20
N LYS A 310 21.09 -21.48 -26.86
CA LYS A 310 20.70 -20.11 -26.47
C LYS A 310 20.11 -20.08 -25.05
N THR A 311 19.20 -20.99 -24.74
CA THR A 311 18.63 -20.97 -23.40
C THR A 311 19.63 -21.45 -22.35
N ALA A 312 20.54 -22.37 -22.68
CA ALA A 312 21.59 -22.71 -21.71
C ALA A 312 22.45 -21.49 -21.40
N ASP A 313 22.74 -20.65 -22.40
CA ASP A 313 23.48 -19.42 -22.14
C ASP A 313 22.72 -18.49 -21.21
N GLY A 314 21.45 -18.23 -21.51
CA GLY A 314 20.69 -17.33 -20.67
C GLY A 314 20.51 -17.87 -19.26
N LEU A 315 20.21 -19.17 -19.16
CA LEU A 315 20.03 -19.80 -17.86
C LEU A 315 21.29 -19.68 -17.02
N CYS A 316 22.46 -19.95 -17.60
CA CYS A 316 23.67 -19.82 -16.81
C CYS A 316 23.86 -18.37 -16.37
N ASN A 317 23.61 -17.43 -17.28
CA ASN A 317 23.80 -16.02 -16.99
C ASN A 317 22.94 -15.56 -15.81
N TRP A 318 21.63 -15.80 -15.89
CA TRP A 318 20.70 -15.28 -14.90
C TRP A 318 20.60 -16.16 -13.66
N ALA A 319 20.96 -17.44 -13.75
CA ALA A 319 20.99 -18.26 -12.55
C ALA A 319 22.18 -17.88 -11.67
N PHE A 320 23.32 -17.51 -12.27
CA PHE A 320 24.49 -17.26 -11.46
C PHE A 320 24.92 -15.78 -11.39
N ALA A 321 24.19 -14.87 -12.03
CA ALA A 321 24.51 -13.45 -11.91
C ALA A 321 24.62 -13.05 -10.43
N ASN A 322 25.65 -12.27 -10.11
CA ASN A 322 25.90 -11.79 -8.75
C ASN A 322 26.01 -12.94 -7.76
N ALA A 323 26.58 -14.06 -8.21
CA ALA A 323 26.80 -15.20 -7.35
C ALA A 323 25.48 -15.75 -6.80
N GLY A 324 24.42 -15.63 -7.61
CA GLY A 324 23.09 -16.04 -7.24
C GLY A 324 22.39 -15.15 -6.24
N GLN A 325 23.01 -14.04 -5.82
CA GLN A 325 22.48 -13.20 -4.75
C GLN A 325 21.61 -12.07 -5.32
N VAL A 326 20.51 -12.46 -5.95
CA VAL A 326 19.56 -11.53 -6.55
C VAL A 326 18.16 -11.94 -6.13
N CYS A 327 17.35 -10.98 -5.69
CA CYS A 327 15.95 -11.29 -5.41
C CYS A 327 15.33 -12.03 -6.58
N VAL A 328 15.66 -11.63 -7.79
CA VAL A 328 14.98 -12.09 -9.00
C VAL A 328 15.88 -13.07 -9.77
N SER A 329 16.78 -13.74 -9.08
CA SER A 329 17.65 -14.70 -9.73
C SER A 329 16.85 -15.95 -10.14
N ILE A 330 17.31 -16.60 -11.20
CA ILE A 330 16.70 -17.87 -11.60
C ILE A 330 17.23 -18.90 -10.62
N LYS A 331 16.36 -19.39 -9.72
CA LYS A 331 16.83 -20.34 -8.74
C LYS A 331 16.35 -21.77 -9.00
N ARG A 332 15.31 -21.93 -9.79
CA ARG A 332 14.75 -23.24 -10.12
C ARG A 332 14.56 -23.31 -11.63
N ILE A 333 15.11 -24.35 -12.26
CA ILE A 333 14.97 -24.57 -13.68
C ILE A 333 14.16 -25.85 -13.90
N TYR A 334 13.14 -25.76 -14.71
CA TYR A 334 12.30 -26.90 -15.01
C TYR A 334 12.40 -27.19 -16.50
N ALA A 335 12.86 -28.39 -16.83
CA ALA A 335 13.07 -28.85 -18.18
C ALA A 335 12.26 -30.11 -18.45
N PRO A 336 11.68 -30.22 -19.63
CA PRO A 336 10.90 -31.42 -19.95
C PRO A 336 11.81 -32.61 -20.22
N ALA A 337 11.19 -33.79 -20.18
CA ALA A 337 11.96 -35.04 -20.31
C ALA A 337 12.76 -35.09 -21.62
N SER A 338 12.19 -34.57 -22.72
CA SER A 338 12.90 -34.51 -23.99
C SER A 338 14.27 -33.84 -23.85
N LEU A 339 14.36 -32.75 -23.08
CA LEU A 339 15.55 -31.90 -23.05
C LEU A 339 16.38 -31.99 -21.77
N TYR A 340 15.97 -32.77 -20.79
CA TYR A 340 16.63 -32.71 -19.50
C TYR A 340 18.13 -33.00 -19.61
N GLU A 341 18.49 -34.09 -20.33
CA GLU A 341 19.89 -34.49 -20.41
C GLU A 341 20.73 -33.50 -21.21
N PRO A 342 20.36 -33.13 -22.44
CA PRO A 342 21.19 -32.15 -23.18
C PRO A 342 21.28 -30.78 -22.48
N LEU A 343 20.18 -30.29 -21.89
CA LEU A 343 20.22 -29.01 -21.18
C LEU A 343 21.12 -29.10 -19.95
N VAL A 344 20.98 -30.16 -19.15
CA VAL A 344 21.79 -30.27 -17.95
C VAL A 344 23.26 -30.37 -18.32
N GLU A 345 23.54 -31.02 -19.45
CA GLU A 345 24.94 -31.15 -19.86
C GLU A 345 25.51 -29.83 -20.36
N ALA A 346 24.73 -29.08 -21.14
CA ALA A 346 25.20 -27.78 -21.60
C ALA A 346 25.38 -26.84 -20.42
N LEU A 347 24.45 -26.89 -19.46
CA LEU A 347 24.54 -26.06 -18.27
C LEU A 347 25.77 -26.40 -17.45
N ALA A 348 26.04 -27.70 -17.26
CA ALA A 348 27.21 -28.09 -16.46
C ALA A 348 28.50 -27.65 -17.16
N GLN A 349 28.55 -27.78 -18.48
CA GLN A 349 29.74 -27.30 -19.19
C GLN A 349 29.94 -25.81 -18.92
N ARG A 350 28.87 -25.01 -19.05
CA ARG A 350 28.98 -23.57 -18.82
C ARG A 350 29.30 -23.24 -17.36
N VAL A 351 28.67 -23.94 -16.42
CA VAL A 351 28.88 -23.66 -15.01
C VAL A 351 30.32 -23.92 -14.64
N SER A 352 30.87 -25.06 -15.10
CA SER A 352 32.25 -25.37 -14.80
C SER A 352 33.23 -24.44 -15.50
N ALA A 353 32.88 -23.94 -16.69
CA ALA A 353 33.77 -22.98 -17.35
C ALA A 353 33.89 -21.64 -16.61
N LEU A 354 32.94 -21.29 -15.73
CA LEU A 354 32.96 -20.00 -15.06
C LEU A 354 34.23 -19.83 -14.25
N THR A 355 34.84 -18.65 -14.34
CA THR A 355 36.06 -18.34 -13.62
C THR A 355 35.74 -17.60 -12.31
N VAL A 356 36.13 -18.22 -11.18
CA VAL A 356 35.88 -17.71 -9.84
C VAL A 356 37.12 -16.98 -9.32
N GLY A 357 36.94 -15.76 -8.83
CA GLY A 357 38.08 -15.02 -8.33
C GLY A 357 37.68 -13.65 -7.81
N HIS A 358 38.69 -12.87 -7.46
CA HIS A 358 38.44 -11.53 -6.97
C HIS A 358 37.79 -10.71 -8.08
N GLY A 359 36.76 -9.95 -7.71
CA GLY A 359 35.99 -9.17 -8.68
C GLY A 359 36.79 -8.09 -9.37
N LEU A 360 37.91 -7.68 -8.78
CA LEU A 360 38.72 -6.69 -9.45
C LEU A 360 39.51 -7.31 -10.58
N ASP A 361 39.76 -8.63 -10.54
CA ASP A 361 40.45 -9.25 -11.67
C ASP A 361 39.52 -9.22 -12.89
N PRO A 362 39.95 -8.64 -14.01
CA PRO A 362 39.06 -8.59 -15.18
C PRO A 362 38.70 -9.94 -15.75
N LEU A 363 39.47 -10.99 -15.45
CA LEU A 363 39.09 -12.29 -15.96
C LEU A 363 38.02 -12.97 -15.09
N THR A 364 37.72 -12.43 -13.91
CA THR A 364 36.76 -13.06 -13.02
C THR A 364 35.37 -12.96 -13.59
N GLN A 365 34.63 -14.08 -13.54
CA GLN A 365 33.23 -14.09 -13.94
C GLN A 365 32.29 -14.22 -12.76
N LEU A 366 32.69 -14.92 -11.72
CA LEU A 366 31.89 -15.09 -10.52
C LEU A 366 32.77 -14.79 -9.30
N GLY A 367 32.33 -13.82 -8.48
CA GLY A 367 33.01 -13.42 -7.28
C GLY A 367 32.59 -14.23 -6.07
N PRO A 368 32.98 -13.80 -4.87
CA PRO A 368 32.53 -14.49 -3.66
C PRO A 368 31.14 -14.05 -3.23
N VAL A 369 30.54 -14.85 -2.35
CA VAL A 369 29.35 -14.38 -1.69
C VAL A 369 29.72 -13.25 -0.74
N GLN A 370 28.74 -12.41 -0.43
CA GLN A 370 29.03 -11.09 0.11
C GLN A 370 29.60 -11.13 1.52
N ASN A 371 29.17 -12.06 2.38
CA ASN A 371 29.58 -11.95 3.77
C ASN A 371 29.67 -13.34 4.41
N ALA A 372 30.11 -13.35 5.68
CA ALA A 372 30.34 -14.61 6.37
C ALA A 372 29.07 -15.43 6.52
N THR A 373 27.95 -14.77 6.86
CA THR A 373 26.70 -15.48 7.05
C THR A 373 26.20 -16.08 5.74
N ALA A 374 26.31 -15.32 4.64
CA ALA A 374 26.00 -15.87 3.34
C ALA A 374 26.88 -17.08 3.03
N PHE A 375 28.16 -16.99 3.41
CA PHE A 375 29.10 -18.07 3.16
C PHE A 375 28.69 -19.35 3.90
N GLN A 376 28.35 -19.23 5.18
CA GLN A 376 27.90 -20.40 5.93
C GLN A 376 26.62 -21.00 5.33
N LYS A 377 25.68 -20.14 4.93
CA LYS A 377 24.47 -20.65 4.29
C LYS A 377 24.81 -21.38 2.98
N ALA A 378 25.81 -20.89 2.26
CA ALA A 378 26.21 -21.58 1.04
C ALA A 378 26.82 -22.97 1.35
N ARG A 379 27.61 -23.07 2.41
CA ARG A 379 28.16 -24.39 2.76
C ARG A 379 27.05 -25.36 3.12
N GLU A 380 26.04 -24.88 3.86
CA GLU A 380 24.90 -25.74 4.15
C GLU A 380 24.18 -26.12 2.87
N ALA A 381 24.08 -25.19 1.92
CA ALA A 381 23.46 -25.52 0.64
C ALA A 381 24.24 -26.60 -0.09
N LEU A 382 25.59 -26.53 -0.04
CA LEU A 382 26.41 -27.52 -0.70
C LEU A 382 26.24 -28.90 -0.07
N GLU A 383 26.16 -28.95 1.26
CA GLU A 383 25.89 -30.23 1.91
C GLU A 383 24.52 -30.78 1.50
N MET A 384 23.51 -29.92 1.43
CA MET A 384 22.18 -30.38 1.00
C MET A 384 22.22 -30.86 -0.44
N ALA A 385 23.02 -30.19 -1.27
CA ALA A 385 23.11 -30.57 -2.67
C ALA A 385 23.65 -31.98 -2.80
N ALA A 386 24.69 -32.29 -2.03
CA ALA A 386 25.23 -33.65 -2.09
C ALA A 386 24.23 -34.68 -1.56
N ARG A 387 23.53 -34.34 -0.47
CA ARG A 387 22.62 -35.31 0.14
C ARG A 387 21.37 -35.56 -0.71
N ASP A 388 20.74 -34.53 -1.27
CA ASP A 388 19.41 -34.69 -1.88
C ASP A 388 19.42 -34.74 -3.39
N GLY A 389 20.58 -34.71 -4.02
CA GLY A 389 20.63 -34.70 -5.47
C GLY A 389 21.98 -35.19 -5.93
N ARG A 390 22.15 -35.18 -7.25
CA ARG A 390 23.43 -35.50 -7.89
C ARG A 390 24.06 -34.19 -8.38
N VAL A 391 25.26 -33.90 -7.92
CA VAL A 391 25.92 -32.66 -8.30
C VAL A 391 26.68 -32.90 -9.60
N VAL A 392 26.32 -32.16 -10.65
CA VAL A 392 27.00 -32.29 -11.93
C VAL A 392 28.03 -31.19 -12.16
N ALA A 393 28.01 -30.11 -11.36
CA ALA A 393 29.08 -29.13 -11.52
C ALA A 393 29.42 -28.50 -10.18
N GLY A 394 30.71 -28.27 -9.96
CA GLY A 394 31.18 -27.65 -8.73
C GLY A 394 30.88 -28.51 -7.53
N GLY A 395 30.26 -27.89 -6.52
CA GLY A 395 29.88 -28.57 -5.30
C GLY A 395 30.77 -28.36 -4.10
N GLU A 396 31.77 -27.48 -4.19
CA GLU A 396 32.69 -27.34 -3.06
C GLU A 396 32.99 -25.88 -2.77
N VAL A 397 33.60 -25.67 -1.63
CA VAL A 397 34.12 -24.36 -1.27
C VAL A 397 35.48 -24.21 -1.92
N LEU A 398 35.77 -23.03 -2.45
CA LEU A 398 37.08 -22.82 -3.05
C LEU A 398 38.14 -22.59 -1.96
N ASP A 399 39.39 -23.05 -2.24
CA ASP A 399 40.58 -22.84 -1.39
C ASP A 399 41.23 -21.51 -1.77
N GLN A 400 40.71 -20.46 -1.15
CA GLN A 400 40.98 -19.08 -1.42
C GLN A 400 40.72 -18.33 -0.12
N PRO A 401 41.49 -17.32 0.23
CA PRO A 401 41.04 -16.47 1.34
C PRO A 401 39.79 -15.73 0.85
N GLY A 402 38.72 -15.75 1.63
CA GLY A 402 37.48 -15.14 1.21
C GLY A 402 36.36 -16.15 0.98
N TYR A 403 35.15 -15.58 0.83
CA TYR A 403 33.91 -16.35 0.81
C TYR A 403 33.58 -16.81 -0.61
N TYR A 404 34.46 -17.65 -1.15
CA TYR A 404 34.32 -18.18 -2.49
C TYR A 404 33.64 -19.54 -2.41
N VAL A 405 32.60 -19.70 -3.22
CA VAL A 405 31.88 -20.95 -3.37
C VAL A 405 31.93 -21.29 -4.85
N GLN A 406 32.24 -22.53 -5.16
CA GLN A 406 32.23 -22.98 -6.55
C GLN A 406 30.83 -22.83 -7.13
N PRO A 407 30.70 -22.44 -8.39
CA PRO A 407 29.38 -22.51 -9.01
C PRO A 407 28.95 -23.97 -9.06
N THR A 408 27.76 -24.25 -8.55
CA THR A 408 27.31 -25.61 -8.35
C THR A 408 25.99 -25.84 -9.09
N LEU A 409 25.95 -26.91 -9.88
CA LEU A 409 24.77 -27.37 -10.61
C LEU A 409 24.39 -28.76 -10.13
N VAL A 410 23.09 -28.92 -9.81
CA VAL A 410 22.53 -30.09 -9.19
C VAL A 410 21.40 -30.64 -10.05
N ARG A 411 21.37 -31.97 -10.18
CA ARG A 411 20.34 -32.67 -10.93
C ARG A 411 19.72 -33.76 -10.06
N ASP A 412 18.57 -34.27 -10.52
CA ASP A 412 17.87 -35.36 -9.82
C ASP A 412 17.61 -35.00 -8.36
N LEU A 413 17.16 -33.77 -8.14
CA LEU A 413 16.97 -33.29 -6.78
C LEU A 413 15.63 -33.77 -6.23
N ASP A 414 15.65 -34.19 -4.96
CA ASP A 414 14.40 -34.53 -4.27
C ASP A 414 13.53 -33.29 -4.13
N GLU A 415 12.27 -33.38 -4.58
CA GLU A 415 11.47 -32.16 -4.74
C GLU A 415 11.04 -31.50 -3.44
N ASN A 416 11.08 -32.17 -2.29
CA ASN A 416 10.87 -31.48 -1.03
C ASN A 416 12.18 -31.12 -0.32
N SER A 417 13.31 -31.23 -1.02
CA SER A 417 14.59 -30.78 -0.48
C SER A 417 14.52 -29.29 -0.14
N PRO A 418 15.12 -28.86 0.98
CA PRO A 418 15.10 -27.42 1.31
C PRO A 418 15.80 -26.58 0.27
N LEU A 419 16.69 -27.17 -0.53
CA LEU A 419 17.36 -26.42 -1.57
C LEU A 419 16.37 -25.68 -2.45
N VAL A 420 15.42 -26.41 -3.02
CA VAL A 420 14.45 -25.82 -3.92
C VAL A 420 13.22 -25.29 -3.19
N ARG A 421 12.88 -25.84 -2.03
CA ARG A 421 11.72 -25.34 -1.29
C ARG A 421 11.98 -23.95 -0.68
N GLU A 422 13.17 -23.73 -0.13
CA GLU A 422 13.56 -22.45 0.47
C GLU A 422 14.40 -21.64 -0.50
N GLU A 423 14.52 -20.33 -0.24
CA GLU A 423 15.27 -19.45 -1.14
C GLU A 423 16.78 -19.64 -0.93
N THR A 424 17.52 -19.80 -2.05
CA THR A 424 18.98 -20.03 -2.01
C THR A 424 19.74 -18.86 -2.66
N PHE A 425 20.33 -18.02 -1.82
CA PHE A 425 21.08 -16.81 -2.21
C PHE A 425 22.54 -17.14 -2.46
N ALA A 426 22.79 -18.10 -3.34
CA ALA A 426 24.14 -18.60 -3.52
C ALA A 426 24.23 -19.26 -4.87
N PRO A 427 25.41 -19.45 -5.37
CA PRO A 427 25.60 -20.05 -6.70
C PRO A 427 25.51 -21.57 -6.64
N ILE A 428 24.41 -22.06 -6.06
CA ILE A 428 24.00 -23.46 -6.03
C ILE A 428 22.66 -23.49 -6.70
N ARG A 429 22.56 -24.19 -7.83
CA ARG A 429 21.36 -24.16 -8.65
C ARG A 429 20.96 -25.56 -9.06
N SER A 430 19.64 -25.77 -9.17
CA SER A 430 19.08 -27.10 -9.44
C SER A 430 18.21 -27.08 -10.69
N VAL A 431 18.34 -28.15 -11.48
CA VAL A 431 17.48 -28.39 -12.63
C VAL A 431 16.58 -29.57 -12.29
N MET A 432 15.28 -29.42 -12.56
CA MET A 432 14.27 -30.40 -12.22
C MET A 432 13.50 -30.81 -13.46
N LEU A 433 13.22 -32.11 -13.57
CA LEU A 433 12.52 -32.67 -14.71
C LEU A 433 11.02 -32.56 -14.47
N TYR A 434 10.28 -32.30 -15.55
CA TYR A 434 8.82 -32.27 -15.51
C TYR A 434 8.24 -33.07 -16.67
N ASP A 435 7.07 -33.68 -16.44
CA ASP A 435 6.42 -34.50 -17.47
C ASP A 435 5.30 -33.80 -18.22
N ASP A 436 4.69 -32.76 -17.65
CA ASP A 436 3.55 -32.09 -18.25
C ASP A 436 3.70 -30.59 -18.01
N LEU A 437 3.25 -29.78 -18.98
CA LEU A 437 3.33 -28.33 -18.80
C LEU A 437 2.54 -27.89 -17.57
N ASP A 438 1.38 -28.50 -17.33
CA ASP A 438 0.60 -28.17 -16.16
C ASP A 438 1.35 -28.52 -14.88
N ASP A 439 2.01 -29.67 -14.88
CA ASP A 439 2.80 -30.09 -13.72
C ASP A 439 3.93 -29.10 -13.45
N ALA A 440 4.60 -28.65 -14.52
CA ALA A 440 5.70 -27.71 -14.35
C ALA A 440 5.19 -26.38 -13.79
N ILE A 441 4.08 -25.87 -14.33
CA ILE A 441 3.55 -24.58 -13.90
C ILE A 441 3.09 -24.65 -12.45
N GLU A 442 2.46 -25.75 -12.05
CA GLU A 442 1.98 -25.80 -10.68
C GLU A 442 3.13 -25.97 -9.70
N ARG A 443 4.23 -26.63 -10.12
CA ARG A 443 5.37 -26.72 -9.21
C ARG A 443 6.19 -25.43 -9.20
N ALA A 444 6.15 -24.68 -10.30
CA ALA A 444 6.72 -23.34 -10.31
C ALA A 444 5.95 -22.41 -9.38
N ASN A 445 4.63 -22.52 -9.36
CA ASN A 445 3.84 -21.64 -8.52
C ASN A 445 3.74 -22.15 -7.09
N ASP A 446 4.16 -23.38 -6.83
CA ASP A 446 4.06 -23.97 -5.49
C ASP A 446 5.16 -23.40 -4.60
N THR A 447 5.01 -22.11 -4.28
CA THR A 447 5.97 -21.38 -3.48
C THR A 447 5.27 -20.17 -2.89
N GLN A 448 5.83 -19.65 -1.80
CA GLN A 448 5.25 -18.47 -1.21
C GLN A 448 5.71 -17.20 -1.90
N TYR A 449 6.63 -17.29 -2.85
CA TYR A 449 7.30 -16.07 -3.32
C TYR A 449 6.60 -15.37 -4.49
N GLY A 450 6.55 -15.98 -5.64
CA GLY A 450 5.97 -15.18 -6.72
C GLY A 450 6.55 -13.79 -6.96
N LEU A 451 7.88 -13.66 -7.08
CA LEU A 451 8.50 -12.40 -7.46
C LEU A 451 8.77 -12.31 -8.96
N GLY A 452 9.40 -13.32 -9.54
CA GLY A 452 9.71 -13.28 -10.95
C GLY A 452 9.66 -14.66 -11.57
N GLY A 453 9.62 -14.69 -12.90
CA GLY A 453 9.63 -15.95 -13.61
C GLY A 453 9.98 -15.76 -15.08
N SER A 454 10.38 -16.86 -15.71
CA SER A 454 10.70 -16.78 -17.13
C SER A 454 10.30 -18.08 -17.79
N VAL A 455 10.00 -18.00 -19.09
CA VAL A 455 9.63 -19.15 -19.90
C VAL A 455 10.51 -19.13 -21.14
N TRP A 456 11.11 -20.27 -21.49
CA TRP A 456 12.09 -20.37 -22.57
C TRP A 456 11.62 -21.38 -23.62
N GLY A 457 11.46 -20.90 -24.85
CA GLY A 457 11.03 -21.71 -25.97
C GLY A 457 11.08 -20.92 -27.26
N SER A 458 10.98 -21.63 -28.37
CA SER A 458 11.01 -20.95 -29.67
C SER A 458 9.66 -20.33 -30.08
N ASP A 459 8.54 -20.92 -29.66
CA ASP A 459 7.22 -20.38 -30.02
C ASP A 459 6.82 -19.34 -28.98
N VAL A 460 6.95 -18.06 -29.35
CA VAL A 460 6.82 -17.02 -28.35
C VAL A 460 5.38 -16.88 -27.83
N GLU A 461 4.35 -17.13 -28.63
CA GLU A 461 3.00 -16.97 -28.05
C GLU A 461 2.69 -18.08 -27.07
N ARG A 462 3.10 -19.32 -27.36
CA ARG A 462 2.96 -20.37 -26.38
C ARG A 462 3.74 -20.01 -25.11
N ALA A 463 4.92 -19.44 -25.31
CA ALA A 463 5.73 -19.02 -24.18
C ALA A 463 5.05 -17.91 -23.38
N ILE A 464 4.40 -16.96 -24.06
CA ILE A 464 3.72 -15.91 -23.32
C ILE A 464 2.53 -16.47 -22.57
N GLU A 465 1.73 -17.33 -23.21
CA GLU A 465 0.61 -17.92 -22.50
C GLU A 465 1.10 -18.66 -21.26
N VAL A 466 2.22 -19.39 -21.38
CA VAL A 466 2.77 -20.07 -20.22
C VAL A 466 3.19 -19.06 -19.17
N GLY A 467 3.85 -17.97 -19.59
CA GLY A 467 4.30 -16.94 -18.66
C GLY A 467 3.16 -16.27 -17.91
N ALA A 468 2.02 -16.07 -18.56
CA ALA A 468 0.88 -15.46 -17.88
C ALA A 468 0.38 -16.35 -16.75
N ARG A 469 0.59 -17.67 -16.86
CA ARG A 469 0.15 -18.60 -15.84
C ARG A 469 1.07 -18.61 -14.61
N LEU A 470 2.23 -17.96 -14.67
CA LEU A 470 3.08 -17.88 -13.50
C LEU A 470 2.54 -16.80 -12.55
N ASN A 471 2.46 -17.15 -11.26
CA ASN A 471 1.92 -16.26 -10.22
C ASN A 471 3.03 -15.36 -9.69
N VAL A 472 3.39 -14.35 -10.48
CA VAL A 472 4.54 -13.50 -10.17
C VAL A 472 4.26 -12.08 -10.64
N GLY A 473 5.11 -11.16 -10.20
CA GLY A 473 5.02 -9.77 -10.64
C GLY A 473 5.49 -9.56 -12.07
N THR A 474 6.57 -10.23 -12.47
CA THR A 474 7.10 -10.07 -13.83
C THR A 474 7.42 -11.42 -14.44
N SER A 475 6.92 -11.65 -15.65
CA SER A 475 7.19 -12.86 -16.40
C SER A 475 8.05 -12.52 -17.62
N TRP A 476 9.32 -12.88 -17.56
CA TRP A 476 10.21 -12.67 -18.69
C TRP A 476 10.11 -13.86 -19.62
N ILE A 477 10.32 -13.61 -20.92
CA ILE A 477 10.17 -14.70 -21.85
C ILE A 477 11.53 -15.23 -22.32
N ASN A 478 12.23 -14.59 -23.23
CA ASN A 478 13.49 -15.26 -23.63
C ASN A 478 14.72 -14.59 -23.02
N HIS A 479 14.56 -14.17 -21.77
CA HIS A 479 15.61 -13.65 -20.92
C HIS A 479 15.09 -13.72 -19.50
N HIS A 480 15.77 -13.04 -18.60
CA HIS A 480 15.35 -12.95 -17.21
C HIS A 480 15.95 -11.68 -16.65
N PHE A 481 15.36 -11.18 -15.56
CA PHE A 481 15.98 -10.13 -14.75
C PHE A 481 16.28 -8.86 -15.58
N GLN A 482 15.24 -8.29 -16.19
CA GLN A 482 15.39 -7.01 -16.87
C GLN A 482 14.60 -5.94 -16.12
N LEU A 483 15.30 -4.91 -15.65
CA LEU A 483 14.69 -3.76 -14.97
C LEU A 483 14.91 -2.49 -15.77
N THR A 484 13.84 -1.77 -16.09
CA THR A 484 13.95 -0.47 -16.74
C THR A 484 13.05 0.53 -16.03
N PRO A 485 13.43 1.81 -16.02
CA PRO A 485 12.67 2.79 -15.20
C PRO A 485 11.24 2.94 -15.65
N ASP A 486 10.94 2.71 -16.92
CA ASP A 486 9.60 2.84 -17.49
C ASP A 486 8.71 1.62 -17.28
N VAL A 487 9.22 0.55 -16.66
CA VAL A 487 8.47 -0.70 -16.50
C VAL A 487 8.32 -1.00 -15.02
N PRO A 488 7.10 -1.28 -14.53
CA PRO A 488 6.91 -1.58 -13.10
C PRO A 488 7.65 -2.84 -12.67
N PHE A 489 8.27 -2.77 -11.51
CA PHE A 489 8.87 -3.95 -10.90
C PHE A 489 8.23 -4.14 -9.52
N GLY A 490 7.65 -5.31 -9.29
CA GLY A 490 7.01 -5.58 -8.03
C GLY A 490 6.85 -7.07 -7.78
N GLY A 491 6.55 -7.41 -6.54
CA GLY A 491 6.38 -8.79 -6.13
C GLY A 491 5.02 -9.01 -5.49
N ILE A 492 4.42 -10.16 -5.76
CA ILE A 492 3.14 -10.50 -5.14
C ILE A 492 3.37 -11.58 -4.11
N LYS A 493 2.27 -12.04 -3.49
CA LYS A 493 2.32 -13.06 -2.45
C LYS A 493 3.30 -12.55 -1.37
N GLN A 494 4.27 -13.34 -0.95
CA GLN A 494 5.20 -12.96 0.11
C GLN A 494 6.43 -12.23 -0.39
N SER A 495 6.43 -11.77 -1.64
CA SER A 495 7.59 -11.11 -2.21
C SER A 495 7.53 -9.60 -2.17
N GLY A 496 6.38 -9.00 -1.91
CA GLY A 496 6.33 -7.55 -1.92
C GLY A 496 4.93 -7.03 -1.73
N LEU A 497 4.83 -5.70 -1.66
CA LEU A 497 3.55 -5.03 -1.52
C LEU A 497 3.23 -4.13 -2.70
N GLY A 498 4.15 -3.24 -3.09
CA GLY A 498 3.87 -2.30 -4.16
C GLY A 498 4.64 -2.58 -5.44
N ALA A 499 4.85 -1.55 -6.24
CA ALA A 499 5.67 -1.60 -7.44
C ALA A 499 6.73 -0.53 -7.31
N GLU A 500 7.95 -0.79 -7.83
CA GLU A 500 9.02 0.16 -7.58
C GLU A 500 9.26 1.17 -8.69
N PHE A 501 9.07 0.81 -9.96
CA PHE A 501 9.33 1.76 -11.05
C PHE A 501 8.04 1.94 -11.86
N GLY A 502 8.11 2.84 -12.85
CA GLY A 502 6.98 3.14 -13.73
C GLY A 502 6.09 4.24 -13.21
N ARG A 503 4.92 4.39 -13.86
CA ARG A 503 3.90 5.30 -13.28
C ARG A 503 3.35 4.68 -11.99
N SER A 504 3.23 3.36 -11.97
CA SER A 504 2.87 2.66 -10.74
C SER A 504 3.84 2.99 -9.60
N GLY A 505 5.15 3.12 -9.90
CA GLY A 505 6.17 3.37 -8.87
C GLY A 505 6.22 4.81 -8.41
N ILE A 506 6.13 5.76 -9.36
CA ILE A 506 6.06 7.18 -9.02
C ILE A 506 4.76 7.50 -8.28
N GLU A 507 3.68 6.78 -8.57
CA GLU A 507 2.49 6.92 -7.76
C GLU A 507 2.70 6.32 -6.37
N GLU A 508 3.65 5.40 -6.23
CA GLU A 508 4.00 4.91 -4.90
C GLU A 508 4.61 5.99 -4.01
N PHE A 509 5.32 6.95 -4.60
CA PHE A 509 5.92 8.02 -3.81
C PHE A 509 5.02 9.25 -3.65
N THR A 510 3.78 9.20 -4.11
CA THR A 510 2.89 10.34 -3.95
C THR A 510 1.61 9.93 -3.25
N ASN A 511 0.93 10.94 -2.75
CA ASN A 511 -0.41 10.82 -2.22
C ASN A 511 -1.33 11.56 -3.18
N VAL A 512 -2.57 11.09 -3.29
CA VAL A 512 -3.57 11.74 -4.11
C VAL A 512 -4.21 12.85 -3.29
N HIS A 513 -4.34 14.04 -3.87
CA HIS A 513 -5.09 15.13 -3.23
C HIS A 513 -6.15 15.60 -4.21
N VAL A 514 -7.41 15.39 -3.86
CA VAL A 514 -8.50 15.80 -4.72
C VAL A 514 -9.00 17.16 -4.31
N VAL A 515 -9.15 18.04 -5.29
CA VAL A 515 -9.78 19.34 -5.10
C VAL A 515 -11.09 19.28 -5.85
N ASN A 516 -12.21 19.35 -5.10
CA ASN A 516 -13.57 19.19 -5.64
C ASN A 516 -14.39 20.43 -5.34
N LEU A 517 -14.73 21.18 -6.38
CA LEU A 517 -15.46 22.44 -6.26
C LEU A 517 -16.89 22.26 -6.75
N LYS A 518 -17.85 22.68 -5.94
CA LYS A 518 -19.24 22.76 -6.34
C LYS A 518 -19.49 24.14 -6.94
N ARG A 519 -20.06 24.17 -8.14
CA ARG A 519 -20.34 25.45 -8.78
C ARG A 519 -21.80 25.85 -8.62
N PRO B 43 -42.61 3.81 16.18
CA PRO B 43 -43.00 4.00 14.79
C PRO B 43 -43.35 2.69 14.09
N ASN B 44 -44.03 2.83 12.96
CA ASN B 44 -44.49 1.69 12.14
C ASN B 44 -43.57 1.35 10.96
N THR B 45 -43.39 0.02 10.78
CA THR B 45 -42.51 -0.54 9.77
C THR B 45 -43.22 -0.56 8.43
N ALA B 46 -42.45 -0.39 7.37
CA ALA B 46 -42.97 -0.66 6.03
C ALA B 46 -42.61 -2.06 5.58
N LEU B 47 -42.04 -2.86 6.48
CA LEU B 47 -41.59 -4.20 6.10
C LEU B 47 -42.79 -5.11 5.88
N SER B 48 -42.68 -5.93 4.83
CA SER B 48 -43.68 -6.92 4.43
C SER B 48 -43.69 -8.16 5.33
N PHE B 49 -42.86 -8.20 6.37
CA PHE B 49 -42.63 -9.39 7.18
C PHE B 49 -42.34 -8.94 8.61
N ASP B 50 -42.41 -9.89 9.56
CA ASP B 50 -42.11 -9.58 10.96
C ASP B 50 -40.62 -9.72 11.20
N LEU B 51 -39.96 -8.60 11.47
CA LEU B 51 -38.51 -8.60 11.59
C LEU B 51 -38.06 -9.31 12.86
N SER B 52 -38.82 -9.16 13.94
CA SER B 52 -38.39 -9.75 15.22
C SER B 52 -38.31 -11.26 15.15
N SER B 53 -39.16 -11.87 14.33
CA SER B 53 -39.20 -13.31 14.22
C SER B 53 -38.34 -13.84 13.08
N LYS B 54 -37.85 -12.96 12.20
CA LYS B 54 -37.16 -13.46 11.01
C LYS B 54 -35.84 -14.09 11.38
N LYS B 55 -35.59 -15.25 10.80
CA LYS B 55 -34.31 -15.90 11.02
C LYS B 55 -33.38 -15.46 9.90
N TYR B 56 -32.18 -15.10 10.28
CA TYR B 56 -31.18 -14.62 9.35
C TYR B 56 -30.04 -15.61 9.33
N GLY B 57 -29.48 -15.83 8.15
CA GLY B 57 -28.33 -16.70 8.00
C GLY B 57 -27.16 -15.96 7.40
N GLN B 58 -25.95 -16.43 7.70
CA GLN B 58 -24.75 -15.91 7.06
C GLN B 58 -24.59 -16.49 5.66
N LEU B 59 -24.11 -15.68 4.73
CA LEU B 59 -23.93 -16.16 3.36
C LEU B 59 -22.53 -16.75 3.22
N ILE B 60 -22.46 -18.08 3.16
CA ILE B 60 -21.20 -18.79 2.97
C ILE B 60 -21.40 -19.76 1.83
N ASP B 61 -20.55 -19.65 0.80
CA ASP B 61 -20.52 -20.61 -0.32
C ASP B 61 -21.88 -20.79 -0.99
N GLY B 62 -22.58 -19.68 -1.23
CA GLY B 62 -23.86 -19.71 -1.90
C GLY B 62 -25.02 -20.22 -1.07
N ARG B 63 -24.80 -20.47 0.22
CA ARG B 63 -25.82 -21.00 1.12
C ARG B 63 -25.97 -20.12 2.35
N LEU B 64 -27.17 -20.20 2.95
CA LEU B 64 -27.45 -19.56 4.23
C LEU B 64 -27.02 -20.52 5.34
N VAL B 65 -26.09 -20.08 6.18
CA VAL B 65 -25.51 -20.89 7.24
C VAL B 65 -25.91 -20.30 8.58
N ASP B 66 -26.49 -21.12 9.46
CA ASP B 66 -26.88 -20.62 10.76
C ASP B 66 -25.64 -20.28 11.57
N GLY B 67 -25.75 -19.26 12.41
CA GLY B 67 -24.57 -18.82 13.13
C GLY B 67 -24.20 -19.75 14.27
N ALA B 68 -22.91 -19.81 14.55
CA ALA B 68 -22.45 -20.54 15.73
C ALA B 68 -23.10 -19.97 16.98
N ASP B 69 -23.33 -18.65 17.00
CA ASP B 69 -24.05 -17.98 18.07
C ASP B 69 -25.07 -17.03 17.46
N GLU B 70 -25.93 -16.46 18.30
CA GLU B 70 -26.91 -15.47 17.88
C GLU B 70 -26.66 -14.17 18.65
N MET B 71 -27.03 -13.05 18.01
CA MET B 71 -26.85 -11.72 18.57
C MET B 71 -28.14 -10.90 18.51
N PRO B 72 -28.53 -10.24 19.60
CA PRO B 72 -29.65 -9.30 19.49
C PRO B 72 -29.20 -8.06 18.72
N VAL B 73 -30.12 -7.53 17.91
CA VAL B 73 -29.96 -6.30 17.15
C VAL B 73 -30.91 -5.30 17.76
N LEU B 74 -30.33 -4.26 18.37
CA LEU B 74 -31.04 -3.20 19.05
C LEU B 74 -31.43 -2.10 18.08
N ASP B 75 -32.39 -1.31 18.49
CA ASP B 75 -32.82 -0.15 17.75
C ASP B 75 -32.29 1.09 18.47
N PRO B 76 -31.44 1.89 17.83
CA PRO B 76 -30.91 3.09 18.49
C PRO B 76 -32.01 4.04 18.94
N GLY B 77 -33.13 4.09 18.21
CA GLY B 77 -34.23 4.99 18.56
C GLY B 77 -34.97 4.65 19.84
N THR B 78 -34.91 3.37 20.27
CA THR B 78 -35.58 2.93 21.50
C THR B 78 -34.70 2.14 22.46
N ALA B 79 -33.52 1.71 22.05
CA ALA B 79 -32.64 0.84 22.85
C ALA B 79 -33.31 -0.50 23.17
N ALA B 80 -34.11 -1.02 22.24
CA ALA B 80 -34.81 -2.28 22.45
C ALA B 80 -34.49 -3.26 21.33
N ARG B 81 -34.45 -4.55 21.64
CA ARG B 81 -34.13 -5.53 20.61
C ARG B 81 -35.19 -5.53 19.52
N ILE B 82 -34.76 -5.50 18.27
CA ILE B 82 -35.67 -5.60 17.14
C ILE B 82 -35.37 -6.79 16.24
N ALA B 83 -34.20 -7.41 16.37
CA ALA B 83 -33.96 -8.58 15.51
C ALA B 83 -32.89 -9.45 16.16
N THR B 84 -32.69 -10.64 15.59
CA THR B 84 -31.62 -11.52 16.01
C THR B 84 -30.84 -11.92 14.76
N THR B 85 -29.51 -11.82 14.84
CA THR B 85 -28.64 -12.07 13.70
C THR B 85 -27.54 -13.06 14.04
N PRO B 86 -27.10 -13.86 13.07
CA PRO B 86 -26.09 -14.89 13.36
C PRO B 86 -24.68 -14.34 13.56
N VAL B 87 -23.92 -15.01 14.42
CA VAL B 87 -22.53 -14.68 14.73
C VAL B 87 -21.68 -15.90 14.41
N ALA B 88 -20.61 -15.69 13.65
CA ALA B 88 -19.76 -16.75 13.13
C ALA B 88 -18.66 -17.15 14.11
N SER B 89 -18.33 -18.45 14.10
CA SER B 89 -17.19 -18.99 14.80
C SER B 89 -15.95 -18.85 13.92
N SER B 90 -14.78 -19.11 14.50
CA SER B 90 -13.57 -19.05 13.68
C SER B 90 -13.62 -20.11 12.58
N GLU B 91 -14.21 -21.27 12.88
CA GLU B 91 -14.36 -22.31 11.88
C GLU B 91 -15.22 -21.82 10.72
N GLN B 92 -16.28 -21.05 11.01
CA GLN B 92 -17.09 -20.49 9.94
C GLN B 92 -16.33 -19.45 9.11
N LEU B 93 -15.45 -18.68 9.74
CA LEU B 93 -14.59 -17.77 8.97
C LEU B 93 -13.69 -18.54 8.02
N ASP B 94 -13.15 -19.68 8.49
CA ASP B 94 -12.34 -20.55 7.61
C ASP B 94 -13.18 -21.07 6.45
N GLN B 95 -14.42 -21.46 6.73
CA GLN B 95 -15.31 -21.92 5.68
C GLN B 95 -15.54 -20.85 4.63
N ALA B 96 -15.81 -19.61 5.07
CA ALA B 96 -16.06 -18.55 4.12
C ALA B 96 -14.82 -18.23 3.29
N VAL B 97 -13.64 -18.17 3.94
CA VAL B 97 -12.40 -17.89 3.20
C VAL B 97 -12.12 -18.99 2.20
N GLN B 98 -12.33 -20.26 2.58
CA GLN B 98 -12.12 -21.37 1.67
C GLN B 98 -13.10 -21.34 0.50
N ALA B 99 -14.37 -21.02 0.76
CA ALA B 99 -15.30 -20.92 -0.35
C ALA B 99 -14.85 -19.83 -1.32
N ALA B 100 -14.41 -18.68 -0.78
CA ALA B 100 -13.94 -17.59 -1.65
C ALA B 100 -12.73 -18.02 -2.46
N ARG B 101 -11.80 -18.75 -1.84
CA ARG B 101 -10.66 -19.28 -2.59
C ARG B 101 -11.14 -20.22 -3.70
N ARG B 102 -12.12 -21.08 -3.41
CA ARG B 102 -12.61 -22.03 -4.42
C ARG B 102 -13.25 -21.29 -5.59
N ALA B 103 -14.06 -20.27 -5.31
CA ALA B 103 -14.74 -19.56 -6.38
C ALA B 103 -13.78 -18.69 -7.18
N LEU B 104 -12.61 -18.37 -6.60
CA LEU B 104 -11.70 -17.42 -7.24
C LEU B 104 -11.34 -17.77 -8.67
N PRO B 105 -10.82 -18.97 -8.97
CA PRO B 105 -10.36 -19.21 -10.36
C PRO B 105 -11.48 -19.15 -11.39
N GLY B 106 -12.63 -19.76 -11.11
CA GLY B 106 -13.74 -19.68 -12.05
C GLY B 106 -14.25 -18.26 -12.23
N TRP B 107 -14.39 -17.53 -11.12
CA TRP B 107 -14.93 -16.17 -11.19
C TRP B 107 -14.03 -15.26 -12.01
N ALA B 108 -12.71 -15.29 -11.73
CA ALA B 108 -11.78 -14.48 -12.49
C ALA B 108 -11.74 -14.93 -13.96
N ALA B 109 -11.87 -16.24 -14.21
CA ALA B 109 -11.85 -16.69 -15.59
C ALA B 109 -13.10 -16.25 -16.35
N LEU B 110 -14.18 -15.94 -15.62
CA LEU B 110 -15.48 -15.68 -16.24
C LEU B 110 -15.45 -14.57 -17.28
N GLY B 111 -14.55 -13.61 -17.13
CA GLY B 111 -14.50 -12.49 -18.06
C GLY B 111 -15.25 -11.26 -17.54
N TYR B 112 -14.86 -10.10 -18.07
CA TYR B 112 -15.40 -8.83 -17.58
C TYR B 112 -16.89 -8.70 -17.85
N ASP B 113 -17.34 -9.07 -19.05
CA ASP B 113 -18.76 -8.88 -19.37
C ASP B 113 -19.66 -9.79 -18.54
N GLU B 114 -19.21 -11.01 -18.23
CA GLU B 114 -20.12 -11.88 -17.50
C GLU B 114 -20.14 -11.58 -16.01
N ARG B 115 -19.03 -11.13 -15.46
CA ARG B 115 -19.08 -10.56 -14.11
C ARG B 115 -19.92 -9.28 -14.11
N SER B 116 -19.85 -8.50 -15.19
CA SER B 116 -20.64 -7.29 -15.30
C SER B 116 -22.14 -7.57 -15.21
N LYS B 117 -22.60 -8.63 -15.87
CA LYS B 117 -24.03 -8.94 -15.78
C LYS B 117 -24.41 -9.27 -14.34
N VAL B 118 -23.54 -9.96 -13.61
CA VAL B 118 -23.85 -10.28 -12.21
C VAL B 118 -23.95 -9.01 -11.38
N LEU B 119 -23.00 -8.09 -11.56
CA LEU B 119 -23.05 -6.85 -10.80
C LEU B 119 -24.35 -6.09 -11.10
N HIS B 120 -24.76 -6.05 -12.36
CA HIS B 120 -26.00 -5.36 -12.71
C HIS B 120 -27.21 -6.03 -12.09
N ALA B 121 -27.20 -7.36 -11.99
CA ALA B 121 -28.30 -8.04 -11.30
C ALA B 121 -28.35 -7.65 -9.82
N VAL B 122 -27.17 -7.50 -9.20
CA VAL B 122 -27.12 -7.05 -7.80
C VAL B 122 -27.71 -5.63 -7.66
N ALA B 123 -27.37 -4.75 -8.60
CA ALA B 123 -27.95 -3.40 -8.57
C ALA B 123 -29.47 -3.46 -8.74
N ASP B 124 -29.94 -4.35 -9.60
CA ASP B 124 -31.39 -4.53 -9.78
C ASP B 124 -32.03 -5.04 -8.50
N VAL B 125 -31.38 -5.95 -7.79
CA VAL B 125 -31.92 -6.42 -6.52
C VAL B 125 -31.94 -5.29 -5.49
N LEU B 126 -30.93 -4.41 -5.52
CA LEU B 126 -30.96 -3.24 -4.64
C LEU B 126 -32.14 -2.32 -4.99
N ALA B 127 -32.36 -2.11 -6.29
CA ALA B 127 -33.46 -1.25 -6.76
C ALA B 127 -34.81 -1.84 -6.37
N ALA B 128 -34.98 -3.15 -6.54
CA ALA B 128 -36.24 -3.81 -6.25
C ALA B 128 -36.60 -3.73 -4.77
N HIS B 129 -35.61 -3.72 -3.89
CA HIS B 129 -35.86 -3.71 -2.46
C HIS B 129 -35.47 -2.39 -1.82
N HIS B 130 -35.48 -1.31 -2.62
CA HIS B 130 -34.95 -0.02 -2.20
C HIS B 130 -35.53 0.42 -0.87
N GLU B 131 -36.87 0.52 -0.80
CA GLU B 131 -37.50 0.99 0.42
C GLU B 131 -37.28 0.04 1.57
N GLU B 132 -37.32 -1.26 1.28
CA GLU B 132 -37.12 -2.29 2.30
C GLU B 132 -35.77 -2.14 2.99
N LEU B 133 -34.69 -2.05 2.20
CA LEU B 133 -33.35 -1.90 2.74
C LEU B 133 -33.18 -0.55 3.44
N ALA B 134 -33.80 0.51 2.90
CA ALA B 134 -33.71 1.80 3.59
C ALA B 134 -34.36 1.71 4.98
N GLN B 135 -35.53 1.06 5.06
CA GLN B 135 -36.19 0.88 6.34
C GLN B 135 -35.31 0.11 7.31
N LEU B 136 -34.73 -1.00 6.85
CA LEU B 136 -33.92 -1.80 7.75
C LEU B 136 -32.70 -1.04 8.25
N THR B 137 -32.04 -0.28 7.38
CA THR B 137 -30.85 0.44 7.79
C THR B 137 -31.21 1.63 8.69
N THR B 138 -32.36 2.29 8.47
CA THR B 138 -32.76 3.26 9.47
C THR B 138 -33.01 2.56 10.81
N LEU B 139 -33.58 1.36 10.76
CA LEU B 139 -33.96 0.66 11.98
C LEU B 139 -32.75 0.31 12.83
N GLU B 140 -31.68 -0.17 12.19
CA GLU B 140 -30.50 -0.62 12.95
C GLU B 140 -29.44 0.47 13.10
N GLN B 141 -29.22 1.26 12.05
CA GLN B 141 -28.24 2.34 12.14
C GLN B 141 -28.82 3.55 12.88
N GLY B 142 -30.08 3.90 12.64
CA GLY B 142 -30.73 4.98 13.36
C GLY B 142 -30.80 6.32 12.66
N LYS B 143 -30.30 6.44 11.44
CA LYS B 143 -30.34 7.71 10.75
C LYS B 143 -31.72 7.97 10.17
N PRO B 144 -32.02 9.21 9.82
CA PRO B 144 -33.32 9.52 9.21
C PRO B 144 -33.56 8.72 7.94
N ILE B 145 -34.84 8.34 7.72
CA ILE B 145 -35.22 7.49 6.60
C ILE B 145 -34.81 8.10 5.27
N GLY B 146 -34.87 9.43 5.16
CA GLY B 146 -34.40 10.04 3.94
C GLY B 146 -32.93 9.75 3.69
N GLU B 147 -32.13 9.81 4.75
CA GLU B 147 -30.70 9.49 4.62
C GLU B 147 -30.49 8.01 4.27
N ALA B 148 -31.34 7.11 4.78
CA ALA B 148 -31.24 5.70 4.43
C ALA B 148 -31.54 5.47 2.94
N ARG B 149 -32.57 6.16 2.43
CA ARG B 149 -32.87 6.09 1.00
C ARG B 149 -31.70 6.62 0.17
N ASP B 150 -31.06 7.71 0.65
CA ASP B 150 -29.86 8.20 -0.02
C ASP B 150 -28.76 7.14 -0.06
N ASP B 151 -28.58 6.41 1.05
CA ASP B 151 -27.55 5.38 1.11
C ASP B 151 -27.82 4.28 0.10
N VAL B 152 -29.08 3.82 -0.01
CA VAL B 152 -29.40 2.74 -0.94
C VAL B 152 -29.23 3.22 -2.38
N ALA B 153 -29.63 4.46 -2.68
CA ALA B 153 -29.42 5.01 -4.02
C ALA B 153 -27.94 5.13 -4.35
N TRP B 154 -27.14 5.54 -3.38
CA TRP B 154 -25.70 5.58 -3.55
C TRP B 154 -25.16 4.19 -3.85
N SER B 155 -25.67 3.19 -3.14
CA SER B 155 -25.25 1.82 -3.41
C SER B 155 -25.52 1.46 -4.87
N ILE B 156 -26.74 1.77 -5.33
CA ILE B 156 -27.13 1.39 -6.68
C ILE B 156 -26.21 2.06 -7.71
N ASP B 157 -25.92 3.34 -7.50
CA ASP B 157 -25.12 4.05 -8.49
C ASP B 157 -23.65 3.62 -8.47
N PHE B 158 -23.09 3.38 -7.29
CA PHE B 158 -21.73 2.86 -7.23
C PHE B 158 -21.65 1.50 -7.92
N THR B 159 -22.66 0.65 -7.69
CA THR B 159 -22.64 -0.67 -8.28
C THR B 159 -22.68 -0.58 -9.80
N ARG B 160 -23.54 0.28 -10.35
CA ARG B 160 -23.61 0.37 -11.80
C ARG B 160 -22.32 0.93 -12.39
N TYR B 161 -21.78 1.99 -11.77
CA TYR B 161 -20.55 2.57 -12.30
C TYR B 161 -19.47 1.51 -12.38
N PHE B 162 -19.31 0.70 -11.31
CA PHE B 162 -18.27 -0.33 -11.33
C PHE B 162 -18.64 -1.55 -12.17
N ALA B 163 -19.93 -1.82 -12.35
CA ALA B 163 -20.33 -2.90 -13.26
C ALA B 163 -19.90 -2.60 -14.69
N ASP B 164 -19.80 -1.31 -15.06
CA ASP B 164 -19.37 -1.00 -16.42
C ASP B 164 -17.86 -0.77 -16.56
N TYR B 165 -17.10 -0.94 -15.48
CA TYR B 165 -15.66 -0.70 -15.53
C TYR B 165 -14.93 -1.81 -16.29
N ARG B 166 -13.90 -1.43 -17.05
CA ARG B 166 -13.07 -2.36 -17.81
C ARG B 166 -11.61 -1.99 -17.63
N LEU B 167 -10.77 -2.98 -17.33
CA LEU B 167 -9.32 -2.78 -17.25
C LEU B 167 -8.68 -3.63 -18.32
N ASP B 168 -7.92 -3.01 -19.22
CA ASP B 168 -7.32 -3.76 -20.31
C ASP B 168 -5.80 -3.73 -20.22
N THR B 169 -5.17 -4.64 -20.94
CA THR B 169 -3.72 -4.70 -20.94
C THR B 169 -3.15 -3.47 -21.65
N GLU B 170 -2.07 -2.95 -21.08
CA GLU B 170 -1.33 -1.81 -21.59
C GLU B 170 -0.03 -2.34 -22.20
N ILE B 171 0.29 -1.89 -23.40
CA ILE B 171 1.56 -2.24 -24.02
C ILE B 171 2.57 -1.14 -23.72
N LEU B 172 3.50 -1.43 -22.82
CA LEU B 172 4.52 -0.44 -22.47
C LEU B 172 5.64 -0.39 -23.49
N ARG B 173 5.88 -1.48 -24.20
CA ARG B 173 6.89 -1.43 -25.25
C ARG B 173 6.51 -2.35 -26.39
N ASP B 174 6.57 -1.85 -27.63
CA ASP B 174 6.35 -2.68 -28.83
C ASP B 174 7.34 -2.26 -29.93
N ASP B 175 8.62 -2.55 -29.71
CA ASP B 175 9.65 -2.29 -30.71
C ASP B 175 10.21 -3.61 -31.24
N ALA B 176 11.27 -3.51 -32.04
CA ALA B 176 11.89 -4.67 -32.66
C ALA B 176 12.56 -5.57 -31.63
N SER B 177 13.16 -4.99 -30.59
CA SER B 177 13.94 -5.81 -29.65
C SER B 177 13.13 -6.37 -28.47
N SER B 178 11.98 -5.79 -28.12
CA SER B 178 11.26 -6.23 -26.93
C SER B 178 9.76 -5.99 -27.09
N TYR B 179 8.96 -6.73 -26.34
CA TYR B 179 7.52 -6.53 -26.27
C TYR B 179 7.10 -6.71 -24.82
N VAL B 180 6.62 -5.64 -24.20
CA VAL B 180 6.31 -5.60 -22.77
C VAL B 180 4.89 -5.12 -22.62
N GLU B 181 4.05 -5.95 -22.02
CA GLU B 181 2.68 -5.60 -21.72
C GLU B 181 2.42 -5.71 -20.23
N LEU B 182 1.55 -4.84 -19.74
CA LEU B 182 1.14 -4.79 -18.35
C LEU B 182 -0.28 -5.35 -18.23
N ARG B 183 -0.44 -6.40 -17.43
CA ARG B 183 -1.73 -7.02 -17.15
C ARG B 183 -2.11 -6.76 -15.71
N ARG B 184 -3.41 -6.67 -15.44
CA ARG B 184 -3.86 -6.47 -14.07
C ARG B 184 -4.67 -7.69 -13.65
N LYS B 185 -4.21 -8.35 -12.66
CA LYS B 185 -4.83 -9.57 -12.26
C LYS B 185 -5.51 -9.37 -10.91
N PRO B 186 -6.53 -10.16 -10.60
CA PRO B 186 -7.19 -10.00 -9.30
C PRO B 186 -6.19 -10.28 -8.18
N VAL B 187 -6.31 -9.52 -7.08
CA VAL B 187 -5.46 -9.75 -5.92
C VAL B 187 -5.74 -11.11 -5.31
N GLY B 188 -7.00 -11.54 -5.33
CA GLY B 188 -7.34 -12.81 -4.74
C GLY B 188 -8.60 -12.73 -3.92
N VAL B 189 -8.54 -13.28 -2.72
CA VAL B 189 -9.61 -13.15 -1.75
C VAL B 189 -9.40 -11.87 -0.95
N VAL B 190 -10.46 -11.07 -0.87
CA VAL B 190 -10.48 -9.80 -0.14
C VAL B 190 -11.33 -9.99 1.10
N GLY B 191 -10.79 -9.64 2.26
CA GLY B 191 -11.55 -9.55 3.49
C GLY B 191 -11.96 -8.12 3.70
N ALA B 192 -13.26 -7.88 3.79
CA ALA B 192 -13.81 -6.54 3.94
C ALA B 192 -14.36 -6.36 5.35
N ILE B 193 -14.02 -5.23 5.98
CA ILE B 193 -14.55 -4.87 7.30
C ILE B 193 -15.15 -3.47 7.20
N THR B 194 -16.42 -3.34 7.54
CA THR B 194 -17.19 -2.11 7.39
C THR B 194 -17.72 -1.62 8.73
N PRO B 195 -17.84 -0.29 8.92
CA PRO B 195 -18.26 0.25 10.22
C PRO B 195 -19.76 0.38 10.38
N TRP B 196 -20.20 1.11 11.40
CA TRP B 196 -21.63 1.27 11.65
C TRP B 196 -22.21 2.58 11.11
N ASN B 197 -21.40 3.42 10.41
CA ASN B 197 -21.89 4.70 9.89
C ASN B 197 -22.85 4.52 8.72
N PHE B 198 -22.45 3.71 7.73
CA PHE B 198 -23.21 3.51 6.49
C PHE B 198 -23.17 2.04 6.14
N PRO B 199 -23.76 1.19 6.95
CA PRO B 199 -23.52 -0.26 6.81
C PRO B 199 -23.68 -0.82 5.40
N LEU B 200 -24.90 -0.75 4.83
CA LEU B 200 -25.12 -1.35 3.51
C LEU B 200 -24.29 -0.66 2.44
N PHE B 201 -24.18 0.67 2.49
CA PHE B 201 -23.43 1.39 1.47
C PHE B 201 -21.95 1.05 1.51
N GLN B 202 -21.34 1.05 2.70
CA GLN B 202 -19.92 0.74 2.77
C GLN B 202 -19.64 -0.70 2.33
N ALA B 203 -20.55 -1.62 2.68
CA ALA B 203 -20.40 -2.99 2.20
C ALA B 203 -20.43 -3.04 0.66
N VAL B 204 -21.39 -2.34 0.04
CA VAL B 204 -21.55 -2.38 -1.41
C VAL B 204 -20.40 -1.68 -2.12
N TYR B 205 -19.92 -0.55 -1.60
CA TYR B 205 -18.84 0.15 -2.28
C TYR B 205 -17.49 -0.56 -2.11
N LYS B 206 -17.34 -1.44 -1.12
CA LYS B 206 -16.19 -2.35 -1.17
C LYS B 206 -16.44 -3.51 -2.15
N LEU B 207 -17.67 -4.02 -2.18
CA LEU B 207 -17.97 -5.23 -2.95
C LEU B 207 -17.87 -4.98 -4.46
N ALA B 208 -18.49 -3.91 -4.97
CA ALA B 208 -18.60 -3.75 -6.41
C ALA B 208 -17.24 -3.61 -7.10
N PRO B 209 -16.38 -2.69 -6.71
CA PRO B 209 -15.05 -2.61 -7.37
C PRO B 209 -14.21 -3.87 -7.18
N ALA B 210 -14.32 -4.55 -6.03
CA ALA B 210 -13.52 -5.75 -5.83
C ALA B 210 -13.95 -6.87 -6.78
N LEU B 211 -15.27 -7.07 -6.90
CA LEU B 211 -15.79 -8.15 -7.73
C LEU B 211 -15.58 -7.89 -9.20
N ILE B 212 -15.78 -6.66 -9.66
CA ILE B 212 -15.74 -6.48 -11.11
C ILE B 212 -14.38 -6.89 -11.68
N VAL B 213 -13.29 -6.65 -10.95
CA VAL B 213 -11.96 -7.01 -11.48
C VAL B 213 -11.63 -8.49 -11.34
N GLY B 214 -12.44 -9.27 -10.64
CA GLY B 214 -12.22 -10.69 -10.62
C GLY B 214 -11.91 -11.26 -9.26
N ASN B 215 -12.06 -10.47 -8.20
CA ASN B 215 -11.79 -10.93 -6.85
C ASN B 215 -12.99 -11.66 -6.24
N THR B 216 -12.72 -12.39 -5.18
CA THR B 216 -13.77 -12.90 -4.31
C THR B 216 -13.60 -12.25 -2.94
N MET B 217 -14.68 -12.22 -2.18
CA MET B 217 -14.70 -11.43 -0.97
C MET B 217 -15.40 -12.16 0.16
N VAL B 218 -14.83 -12.00 1.34
CA VAL B 218 -15.44 -12.36 2.61
C VAL B 218 -15.57 -11.07 3.44
N LEU B 219 -16.81 -10.75 3.82
CA LEU B 219 -17.16 -9.48 4.43
C LEU B 219 -17.68 -9.69 5.85
N LYS B 220 -17.22 -8.87 6.77
CA LYS B 220 -17.69 -8.87 8.15
C LYS B 220 -18.30 -7.51 8.45
N PRO B 221 -19.60 -7.40 8.65
CA PRO B 221 -20.18 -6.11 9.03
C PRO B 221 -19.89 -5.83 10.51
N SER B 222 -20.14 -4.57 10.87
CA SER B 222 -20.00 -4.15 12.25
C SER B 222 -20.88 -4.97 13.19
N PRO B 223 -20.40 -5.28 14.40
CA PRO B 223 -21.25 -6.05 15.34
C PRO B 223 -22.61 -5.40 15.63
N THR B 224 -22.68 -4.07 15.77
CA THR B 224 -23.92 -3.37 16.03
C THR B 224 -24.74 -3.03 14.77
N THR B 225 -24.24 -3.26 13.57
CA THR B 225 -25.04 -2.98 12.36
C THR B 225 -24.88 -4.11 11.35
N PRO B 226 -25.41 -5.28 11.67
CA PRO B 226 -25.40 -6.37 10.69
C PRO B 226 -26.70 -6.52 9.91
N LEU B 227 -27.77 -5.80 10.30
CA LEU B 227 -29.11 -6.18 9.81
C LEU B 227 -29.24 -6.01 8.29
N ALA B 228 -29.06 -4.78 7.77
CA ALA B 228 -29.29 -4.54 6.35
C ALA B 228 -28.30 -5.32 5.48
N THR B 229 -27.09 -5.51 5.99
CA THR B 229 -26.07 -6.26 5.29
C THR B 229 -26.47 -7.73 5.15
N MET B 230 -26.90 -8.37 6.25
CA MET B 230 -27.36 -9.76 6.19
C MET B 230 -28.57 -9.90 5.28
N HIS B 231 -29.53 -8.97 5.39
CA HIS B 231 -30.74 -9.08 4.59
C HIS B 231 -30.42 -8.98 3.11
N PHE B 232 -29.61 -7.99 2.73
CA PHE B 232 -29.19 -7.87 1.34
C PHE B 232 -28.41 -9.10 0.90
N ALA B 233 -27.57 -9.65 1.78
CA ALA B 233 -26.82 -10.84 1.44
C ALA B 233 -27.74 -12.00 1.09
N GLU B 234 -28.83 -12.14 1.85
CA GLU B 234 -29.81 -13.18 1.54
C GLU B 234 -30.42 -12.90 0.17
N LEU B 235 -30.72 -11.64 -0.10
CA LEU B 235 -31.31 -11.28 -1.40
C LEU B 235 -30.43 -11.66 -2.57
N VAL B 236 -29.10 -11.73 -2.40
CA VAL B 236 -28.22 -11.98 -3.53
C VAL B 236 -27.60 -13.37 -3.50
N ARG B 237 -28.06 -14.28 -2.63
CA ARG B 237 -27.35 -15.56 -2.48
C ARG B 237 -27.27 -16.33 -3.78
N GLU B 238 -28.33 -16.26 -4.56
CA GLU B 238 -28.38 -16.89 -5.87
C GLU B 238 -28.09 -15.95 -7.02
N VAL B 239 -28.10 -14.63 -6.80
CA VAL B 239 -27.67 -13.69 -7.84
C VAL B 239 -26.17 -13.80 -8.06
N ILE B 240 -25.41 -13.88 -6.97
CA ILE B 240 -23.96 -13.95 -7.04
C ILE B 240 -23.55 -15.41 -7.07
N PRO B 241 -22.64 -15.80 -7.95
CA PRO B 241 -22.22 -17.21 -7.99
C PRO B 241 -21.66 -17.61 -6.63
N ALA B 242 -21.93 -18.87 -6.25
CA ALA B 242 -21.62 -19.34 -4.90
C ALA B 242 -20.17 -19.07 -4.52
N GLY B 243 -19.99 -18.50 -3.32
CA GLY B 243 -18.66 -18.29 -2.78
C GLY B 243 -17.95 -17.04 -3.27
N VAL B 244 -18.44 -16.38 -4.32
CA VAL B 244 -17.82 -15.14 -4.76
C VAL B 244 -18.01 -14.05 -3.71
N PHE B 245 -19.15 -14.06 -3.04
CA PHE B 245 -19.44 -13.13 -1.98
C PHE B 245 -19.92 -13.90 -0.76
N ASN B 246 -19.28 -13.69 0.38
CA ASN B 246 -19.64 -14.37 1.62
C ASN B 246 -19.68 -13.35 2.74
N VAL B 247 -20.64 -13.50 3.66
CA VAL B 247 -20.77 -12.59 4.78
C VAL B 247 -20.80 -13.39 6.08
N VAL B 248 -20.03 -12.95 7.08
CA VAL B 248 -19.92 -13.63 8.36
C VAL B 248 -20.24 -12.64 9.50
N GLY B 249 -21.04 -13.10 10.46
CA GLY B 249 -21.42 -12.25 11.59
C GLY B 249 -20.33 -12.13 12.64
N ASP B 250 -20.19 -10.91 13.19
CA ASP B 250 -19.17 -10.57 14.17
C ASP B 250 -19.81 -10.38 15.54
N GLY B 251 -19.32 -11.10 16.53
CA GLY B 251 -19.71 -10.90 17.91
C GLY B 251 -18.77 -9.99 18.66
N GLY B 252 -17.84 -9.35 17.97
CA GLY B 252 -16.83 -8.49 18.57
C GLY B 252 -15.45 -9.08 18.57
N ASP B 253 -15.30 -10.29 18.06
CA ASP B 253 -14.01 -10.96 18.07
C ASP B 253 -13.46 -11.26 16.69
N LEU B 254 -14.27 -11.16 15.64
CA LEU B 254 -13.89 -11.74 14.35
C LEU B 254 -12.85 -10.93 13.61
N GLY B 255 -12.81 -9.62 13.78
CA GLY B 255 -11.96 -8.77 12.97
C GLY B 255 -10.50 -9.16 12.98
N PRO B 256 -9.91 -9.27 14.17
CA PRO B 256 -8.50 -9.67 14.22
C PRO B 256 -8.26 -11.02 13.57
N LEU B 257 -9.21 -11.94 13.74
CA LEU B 257 -9.12 -13.24 13.07
C LEU B 257 -9.07 -13.08 11.55
N LEU B 258 -9.92 -12.20 11.01
CA LEU B 258 -9.99 -12.00 9.57
C LEU B 258 -8.76 -11.32 9.03
N THR B 259 -8.26 -10.31 9.72
CA THR B 259 -7.19 -9.50 9.14
C THR B 259 -5.87 -10.25 9.08
N SER B 260 -5.68 -11.26 9.91
CA SER B 260 -4.46 -12.06 9.90
C SER B 260 -4.65 -13.39 9.21
N HIS B 261 -5.82 -13.63 8.62
CA HIS B 261 -6.13 -14.95 8.10
C HIS B 261 -5.18 -15.36 6.98
N GLU B 262 -4.74 -16.60 7.02
CA GLU B 262 -3.80 -17.08 6.01
C GLU B 262 -4.42 -17.02 4.62
N GLY B 263 -5.71 -17.32 4.52
CA GLY B 263 -6.36 -17.38 3.23
C GLY B 263 -6.61 -16.05 2.55
N ILE B 264 -6.69 -14.96 3.32
CA ILE B 264 -6.98 -13.64 2.75
C ILE B 264 -5.71 -13.05 2.17
N ASP B 265 -5.82 -12.50 0.97
CA ASP B 265 -4.71 -11.79 0.32
C ASP B 265 -4.82 -10.29 0.51
N LYS B 266 -6.02 -9.74 0.59
CA LYS B 266 -6.10 -8.30 0.75
C LYS B 266 -7.18 -7.97 1.78
N VAL B 267 -6.90 -6.98 2.62
CA VAL B 267 -7.83 -6.51 3.63
C VAL B 267 -8.23 -5.08 3.28
N SER B 268 -9.54 -4.85 3.19
CA SER B 268 -10.12 -3.53 3.01
C SER B 268 -10.86 -3.19 4.30
N PHE B 269 -10.30 -2.27 5.08
CA PHE B 269 -10.83 -1.97 6.41
C PHE B 269 -11.25 -0.51 6.48
N THR B 270 -12.48 -0.28 6.95
CA THR B 270 -12.93 1.06 7.32
C THR B 270 -13.34 1.03 8.79
N GLY B 271 -12.82 1.97 9.56
CA GLY B 271 -13.09 1.97 10.99
C GLY B 271 -12.25 3.00 11.73
N SER B 272 -12.07 2.74 13.01
CA SER B 272 -11.31 3.63 13.89
C SER B 272 -9.81 3.60 13.55
N THR B 273 -9.13 4.72 13.82
CA THR B 273 -7.69 4.80 13.60
C THR B 273 -6.91 3.83 14.50
N VAL B 274 -7.35 3.69 15.76
CA VAL B 274 -6.70 2.76 16.68
C VAL B 274 -6.79 1.34 16.13
N THR B 275 -7.97 0.95 15.70
CA THR B 275 -8.13 -0.38 15.14
C THR B 275 -7.31 -0.54 13.86
N GLY B 276 -7.24 0.50 13.05
CA GLY B 276 -6.44 0.42 11.83
C GLY B 276 -4.98 0.15 12.12
N ARG B 277 -4.44 0.82 13.14
CA ARG B 277 -3.07 0.51 13.56
C ARG B 277 -2.93 -0.94 13.96
N HIS B 278 -3.89 -1.45 14.74
CA HIS B 278 -3.81 -2.86 15.09
C HIS B 278 -3.87 -3.74 13.84
N VAL B 279 -4.74 -3.38 12.89
CA VAL B 279 -4.95 -4.17 11.69
C VAL B 279 -3.69 -4.24 10.84
N MET B 280 -3.03 -3.10 10.66
CA MET B 280 -1.78 -3.08 9.93
C MET B 280 -0.73 -3.92 10.63
N ALA B 281 -0.66 -3.85 11.97
CA ALA B 281 0.29 -4.70 12.68
C ALA B 281 -0.04 -6.18 12.49
N ALA B 282 -1.33 -6.51 12.52
CA ALA B 282 -1.84 -7.87 12.42
C ALA B 282 -1.61 -8.48 11.05
N ALA B 283 -1.60 -7.66 9.99
CA ALA B 283 -1.37 -8.11 8.63
C ALA B 283 0.11 -8.25 8.31
N GLY B 284 0.99 -7.92 9.27
CA GLY B 284 2.42 -7.91 9.06
C GLY B 284 2.99 -9.27 8.70
N PRO B 285 2.69 -10.29 9.51
CA PRO B 285 3.23 -11.63 9.22
C PRO B 285 2.85 -12.15 7.84
N THR B 286 1.67 -11.80 7.31
CA THR B 286 1.22 -12.28 6.01
C THR B 286 1.50 -11.32 4.86
N LEU B 287 2.07 -10.15 5.14
CA LEU B 287 2.40 -9.18 4.10
C LEU B 287 1.17 -8.90 3.23
N LYS B 288 0.04 -8.69 3.90
CA LYS B 288 -1.22 -8.51 3.20
C LYS B 288 -1.25 -7.17 2.48
N ARG B 289 -1.90 -7.15 1.33
CA ARG B 289 -2.30 -5.89 0.73
C ARG B 289 -3.36 -5.26 1.61
N LEU B 290 -3.28 -3.93 1.74
CA LEU B 290 -4.08 -3.22 2.74
C LEU B 290 -4.65 -1.93 2.22
N THR B 291 -5.94 -1.72 2.46
CA THR B 291 -6.51 -0.41 2.23
C THR B 291 -7.22 -0.05 3.53
N LEU B 292 -6.92 1.14 4.08
CA LEU B 292 -7.44 1.54 5.39
C LEU B 292 -8.08 2.93 5.31
N GLU B 293 -9.36 3.01 5.63
CA GLU B 293 -10.05 4.30 5.74
C GLU B 293 -10.47 4.45 7.19
N LEU B 294 -9.87 5.41 7.87
CA LEU B 294 -9.82 5.44 9.33
C LEU B 294 -10.41 6.70 9.99
N GLY B 295 -11.16 7.52 9.28
CA GLY B 295 -11.76 8.63 9.99
C GLY B 295 -10.78 9.76 10.25
N GLY B 296 -11.34 10.93 10.53
CA GLY B 296 -10.51 12.11 10.54
C GLY B 296 -11.14 13.20 11.38
N ASN B 297 -10.60 14.41 11.22
CA ASN B 297 -11.07 15.58 11.96
C ASN B 297 -11.27 16.74 10.99
N ASP B 298 -12.19 16.57 10.04
CA ASP B 298 -12.25 17.54 8.95
C ASP B 298 -12.50 18.95 9.46
N ALA B 299 -11.75 19.88 8.90
CA ALA B 299 -11.85 21.29 9.21
C ALA B 299 -12.49 21.99 8.03
N ALA B 300 -13.29 22.99 8.32
CA ALA B 300 -13.83 23.88 7.30
C ALA B 300 -13.32 25.27 7.59
N ILE B 301 -12.67 25.89 6.61
CA ILE B 301 -12.18 27.26 6.73
C ILE B 301 -13.12 28.18 5.95
N VAL B 302 -13.61 29.21 6.61
CA VAL B 302 -14.51 30.13 5.94
C VAL B 302 -13.73 31.41 5.67
N LEU B 303 -13.79 31.86 4.42
CA LEU B 303 -13.09 33.07 4.04
C LEU B 303 -13.94 34.31 4.33
N ASP B 304 -13.25 35.45 4.46
CA ASP B 304 -13.93 36.68 4.81
C ASP B 304 -15.00 37.04 3.80
N ASP B 305 -14.83 36.63 2.53
CA ASP B 305 -15.80 36.98 1.51
C ASP B 305 -17.00 36.03 1.42
N ALA B 306 -17.12 35.03 2.30
CA ALA B 306 -18.17 34.02 2.18
C ALA B 306 -19.57 34.60 2.38
N ASP B 307 -20.55 34.00 1.71
CA ASP B 307 -21.96 34.33 1.91
C ASP B 307 -22.44 33.66 3.19
N ILE B 308 -22.81 34.46 4.17
CA ILE B 308 -23.10 33.92 5.51
C ILE B 308 -24.29 32.98 5.49
N GLU B 309 -25.34 33.30 4.75
CA GLU B 309 -26.51 32.42 4.78
C GLU B 309 -26.23 31.11 4.04
N LYS B 310 -25.66 31.20 2.84
CA LYS B 310 -25.36 29.98 2.10
C LYS B 310 -24.38 29.15 2.88
N THR B 311 -23.37 29.80 3.47
CA THR B 311 -22.34 29.08 4.18
C THR B 311 -22.87 28.47 5.48
N ALA B 312 -23.75 29.16 6.20
CA ALA B 312 -24.33 28.56 7.39
C ALA B 312 -25.16 27.34 7.03
N ASP B 313 -25.92 27.42 5.94
CA ASP B 313 -26.70 26.25 5.55
C ASP B 313 -25.79 25.06 5.26
N GLY B 314 -24.73 25.30 4.45
CA GLY B 314 -23.83 24.22 4.07
C GLY B 314 -23.09 23.62 5.26
N LEU B 315 -22.57 24.48 6.13
CA LEU B 315 -21.86 24.02 7.31
C LEU B 315 -22.78 23.21 8.23
N CYS B 316 -23.99 23.71 8.50
CA CYS B 316 -24.88 22.95 9.36
C CYS B 316 -25.17 21.57 8.75
N ASN B 317 -25.42 21.54 7.44
CA ASN B 317 -25.73 20.30 6.75
C ASN B 317 -24.61 19.27 6.89
N TRP B 318 -23.38 19.68 6.57
CA TRP B 318 -22.28 18.72 6.54
C TRP B 318 -21.71 18.41 7.92
N ALA B 319 -21.82 19.34 8.86
CA ALA B 319 -21.36 19.06 10.22
C ALA B 319 -22.30 18.12 10.96
N PHE B 320 -23.62 18.19 10.71
CA PHE B 320 -24.51 17.34 11.49
C PHE B 320 -25.13 16.19 10.71
N ALA B 321 -24.83 16.03 9.42
CA ALA B 321 -25.34 14.88 8.68
C ALA B 321 -25.04 13.58 9.42
N ASN B 322 -26.05 12.69 9.46
CA ASN B 322 -25.89 11.41 10.11
C ASN B 322 -25.45 11.56 11.55
N ALA B 323 -25.90 12.64 12.21
CA ALA B 323 -25.61 12.89 13.62
C ALA B 323 -24.11 13.07 13.89
N GLY B 324 -23.38 13.62 12.93
CA GLY B 324 -21.95 13.80 13.05
C GLY B 324 -21.15 12.53 12.96
N GLN B 325 -21.79 11.39 12.73
CA GLN B 325 -21.09 10.11 12.72
C GLN B 325 -20.62 9.79 11.31
N VAL B 326 -19.75 10.65 10.79
CA VAL B 326 -19.15 10.44 9.49
C VAL B 326 -17.65 10.64 9.65
N CYS B 327 -16.87 9.72 9.09
CA CYS B 327 -15.42 9.87 9.03
C CYS B 327 -15.07 11.24 8.49
N VAL B 328 -15.76 11.64 7.42
CA VAL B 328 -15.44 12.84 6.69
C VAL B 328 -16.38 14.01 7.07
N SER B 329 -16.97 13.96 8.25
CA SER B 329 -17.88 15.03 8.67
C SER B 329 -17.12 16.31 9.03
N ILE B 330 -17.80 17.45 8.93
CA ILE B 330 -17.23 18.74 9.30
C ILE B 330 -17.23 18.84 10.82
N LYS B 331 -16.03 18.75 11.43
CA LYS B 331 -15.97 18.79 12.88
C LYS B 331 -15.36 20.09 13.41
N ARG B 332 -14.63 20.84 12.59
CA ARG B 332 -14.03 22.10 13.03
C ARG B 332 -14.28 23.18 11.98
N ILE B 333 -14.88 24.29 12.40
CA ILE B 333 -15.16 25.41 11.51
C ILE B 333 -14.30 26.57 11.98
N TYR B 334 -13.61 27.19 11.04
CA TYR B 334 -12.74 28.33 11.32
C TYR B 334 -13.26 29.54 10.57
N ALA B 335 -13.59 30.59 11.31
CA ALA B 335 -14.17 31.78 10.73
C ALA B 335 -13.30 32.99 10.98
N PRO B 336 -13.19 33.87 10.01
CA PRO B 336 -12.44 35.11 10.23
C PRO B 336 -13.21 36.04 11.15
N ALA B 337 -12.47 36.97 11.77
CA ALA B 337 -13.05 37.86 12.76
C ALA B 337 -14.21 38.69 12.19
N SER B 338 -14.08 39.20 10.97
CA SER B 338 -15.18 39.94 10.34
C SER B 338 -16.51 39.17 10.34
N LEU B 339 -16.47 37.86 10.19
CA LEU B 339 -17.68 37.07 10.02
C LEU B 339 -18.06 36.24 11.24
N TYR B 340 -17.23 36.23 12.29
CA TYR B 340 -17.41 35.24 13.35
C TYR B 340 -18.78 35.34 14.03
N GLU B 341 -19.18 36.55 14.43
CA GLU B 341 -20.43 36.68 15.19
C GLU B 341 -21.65 36.40 14.34
N PRO B 342 -21.83 37.03 13.17
CA PRO B 342 -23.00 36.70 12.34
C PRO B 342 -23.03 35.24 11.94
N LEU B 343 -21.86 34.66 11.62
CA LEU B 343 -21.82 33.25 11.26
C LEU B 343 -22.25 32.36 12.43
N VAL B 344 -21.76 32.66 13.64
CA VAL B 344 -22.12 31.82 14.77
C VAL B 344 -23.61 31.89 15.04
N GLU B 345 -24.21 33.07 14.87
CA GLU B 345 -25.65 33.11 15.16
C GLU B 345 -26.47 32.41 14.07
N ALA B 346 -26.07 32.54 12.79
CA ALA B 346 -26.80 31.80 11.77
C ALA B 346 -26.69 30.29 12.00
N LEU B 347 -25.50 29.83 12.37
CA LEU B 347 -25.29 28.43 12.69
C LEU B 347 -26.13 28.00 13.88
N ALA B 348 -26.12 28.80 14.94
CA ALA B 348 -26.83 28.43 16.16
C ALA B 348 -28.33 28.36 15.92
N GLN B 349 -28.86 29.30 15.15
CA GLN B 349 -30.27 29.26 14.80
C GLN B 349 -30.59 27.98 14.04
N ARG B 350 -29.80 27.66 13.03
CA ARG B 350 -30.08 26.45 12.25
C ARG B 350 -29.91 25.18 13.09
N VAL B 351 -28.90 25.13 13.96
CA VAL B 351 -28.68 23.95 14.77
C VAL B 351 -29.85 23.72 15.71
N SER B 352 -30.30 24.78 16.41
CA SER B 352 -31.43 24.65 17.32
C SER B 352 -32.71 24.29 16.57
N ALA B 353 -32.82 24.70 15.31
CA ALA B 353 -33.98 24.31 14.51
C ALA B 353 -34.07 22.80 14.21
N LEU B 354 -32.97 22.04 14.32
CA LEU B 354 -32.98 20.62 13.95
C LEU B 354 -33.95 19.79 14.78
N THR B 355 -34.76 18.98 14.12
CA THR B 355 -35.74 18.18 14.83
C THR B 355 -35.14 16.81 15.15
N VAL B 356 -35.09 16.49 16.45
CA VAL B 356 -34.50 15.25 16.96
C VAL B 356 -35.62 14.26 17.22
N GLY B 357 -35.45 13.04 16.71
CA GLY B 357 -36.44 12.00 16.92
C GLY B 357 -36.05 10.72 16.22
N HIS B 358 -36.97 9.77 16.24
CA HIS B 358 -36.74 8.47 15.59
C HIS B 358 -36.59 8.64 14.08
N GLY B 359 -35.66 7.89 13.50
CA GLY B 359 -35.39 8.04 12.07
C GLY B 359 -36.54 7.64 11.17
N LEU B 360 -37.44 6.78 11.65
CA LEU B 360 -38.58 6.38 10.83
C LEU B 360 -39.64 7.47 10.74
N ASP B 361 -39.68 8.39 11.73
CA ASP B 361 -40.58 9.54 11.69
C ASP B 361 -40.18 10.46 10.54
N PRO B 362 -41.10 10.82 9.63
CA PRO B 362 -40.71 11.66 8.48
C PRO B 362 -40.27 13.07 8.85
N LEU B 363 -40.69 13.61 9.99
CA LEU B 363 -40.25 14.95 10.37
C LEU B 363 -38.84 14.97 10.96
N THR B 364 -38.27 13.81 11.28
CA THR B 364 -36.96 13.81 11.93
C THR B 364 -35.88 14.32 10.99
N GLN B 365 -35.03 15.19 11.53
CA GLN B 365 -33.88 15.71 10.81
C GLN B 365 -32.59 15.08 11.31
N LEU B 366 -32.48 14.84 12.62
CA LEU B 366 -31.31 14.23 13.22
C LEU B 366 -31.74 13.13 14.18
N GLY B 367 -31.29 11.89 13.91
CA GLY B 367 -31.64 10.75 14.71
C GLY B 367 -30.73 10.59 15.92
N PRO B 368 -30.83 9.45 16.58
CA PRO B 368 -29.93 9.14 17.69
C PRO B 368 -28.57 8.65 17.20
N VAL B 369 -27.60 8.61 18.11
CA VAL B 369 -26.31 7.97 17.82
C VAL B 369 -26.51 6.45 17.82
N GLN B 370 -25.62 5.74 17.10
CA GLN B 370 -25.90 4.35 16.71
C GLN B 370 -25.90 3.36 17.89
N ASN B 371 -25.02 3.52 18.88
CA ASN B 371 -24.91 2.48 19.90
C ASN B 371 -24.57 3.07 21.26
N ALA B 372 -24.56 2.19 22.27
CA ALA B 372 -24.40 2.63 23.66
C ALA B 372 -23.05 3.27 23.95
N THR B 373 -21.95 2.69 23.45
CA THR B 373 -20.64 3.30 23.75
C THR B 373 -20.48 4.66 23.04
N ALA B 374 -20.99 4.78 21.79
CA ALA B 374 -20.99 6.07 21.13
C ALA B 374 -21.79 7.08 21.95
N PHE B 375 -22.92 6.65 22.51
CA PHE B 375 -23.73 7.52 23.34
C PHE B 375 -22.95 7.99 24.55
N GLN B 376 -22.23 7.07 25.18
CA GLN B 376 -21.42 7.42 26.33
C GLN B 376 -20.35 8.45 25.96
N LYS B 377 -19.69 8.24 24.83
CA LYS B 377 -18.70 9.20 24.37
C LYS B 377 -19.33 10.55 24.04
N ALA B 378 -20.59 10.57 23.57
CA ALA B 378 -21.28 11.84 23.33
C ALA B 378 -21.51 12.59 24.64
N ARG B 379 -21.90 11.87 25.70
CA ARG B 379 -22.08 12.52 27.01
C ARG B 379 -20.75 13.10 27.52
N GLU B 380 -19.66 12.37 27.32
CA GLU B 380 -18.34 12.89 27.69
C GLU B 380 -17.96 14.13 26.87
N ALA B 381 -18.32 14.13 25.58
CA ALA B 381 -18.08 15.32 24.78
C ALA B 381 -18.90 16.51 25.28
N LEU B 382 -20.12 16.25 25.76
CA LEU B 382 -20.96 17.36 26.26
C LEU B 382 -20.35 18.02 27.50
N GLU B 383 -19.82 17.22 28.38
CA GLU B 383 -19.09 17.82 29.46
C GLU B 383 -17.80 18.48 29.07
N MET B 384 -17.03 17.92 28.19
CA MET B 384 -15.88 18.68 27.75
C MET B 384 -16.34 19.99 27.13
N ALA B 385 -17.48 19.98 26.43
CA ALA B 385 -17.97 21.19 25.79
C ALA B 385 -18.34 22.25 26.82
N ALA B 386 -19.06 21.86 27.87
CA ALA B 386 -19.39 22.82 28.92
C ALA B 386 -18.13 23.28 29.65
N ARG B 387 -17.18 22.36 29.85
CA ARG B 387 -15.97 22.70 30.58
C ARG B 387 -15.09 23.67 29.79
N ASP B 388 -14.91 23.43 28.48
CA ASP B 388 -13.91 24.12 27.69
C ASP B 388 -14.44 25.13 26.68
N GLY B 389 -15.76 25.37 26.64
CA GLY B 389 -16.25 26.29 25.65
C GLY B 389 -17.57 26.88 26.08
N ARG B 390 -18.12 27.72 25.21
CA ARG B 390 -19.43 28.32 25.39
C ARG B 390 -20.40 27.62 24.44
N VAL B 391 -21.42 26.97 25.01
CA VAL B 391 -22.40 26.25 24.22
C VAL B 391 -23.50 27.24 23.86
N VAL B 392 -23.71 27.44 22.54
CA VAL B 392 -24.75 28.34 22.06
C VAL B 392 -25.97 27.62 21.53
N ALA B 393 -25.89 26.30 21.33
CA ALA B 393 -27.06 25.55 20.91
C ALA B 393 -27.00 24.13 21.50
N GLY B 394 -28.14 23.66 22.00
CA GLY B 394 -28.25 22.34 22.59
C GLY B 394 -27.38 22.18 23.83
N GLY B 395 -26.58 21.11 23.83
CA GLY B 395 -25.70 20.79 24.92
C GLY B 395 -26.12 19.66 25.80
N GLU B 396 -27.23 19.00 25.50
CA GLU B 396 -27.61 17.88 26.34
C GLU B 396 -28.29 16.72 25.61
N VAL B 397 -28.37 15.60 26.31
CA VAL B 397 -29.09 14.43 25.85
C VAL B 397 -30.53 14.49 26.34
N LEU B 398 -31.47 14.16 25.46
CA LEU B 398 -32.87 14.17 25.85
C LEU B 398 -33.15 12.99 26.76
N ASP B 399 -34.12 13.17 27.67
CA ASP B 399 -34.58 12.13 28.59
C ASP B 399 -35.60 11.29 27.83
N GLN B 400 -35.08 10.31 27.10
CA GLN B 400 -35.87 9.36 26.35
C GLN B 400 -35.13 8.04 26.34
N PRO B 401 -35.86 6.94 26.21
CA PRO B 401 -35.19 5.64 26.05
C PRO B 401 -34.50 5.66 24.70
N GLY B 402 -33.21 5.36 24.70
CA GLY B 402 -32.48 5.48 23.46
C GLY B 402 -31.43 6.59 23.54
N TYR B 403 -30.52 6.53 22.57
CA TYR B 403 -29.30 7.34 22.57
C TYR B 403 -29.53 8.66 21.82
N TYR B 404 -30.40 9.50 22.37
CA TYR B 404 -30.67 10.79 21.76
C TYR B 404 -29.82 11.86 22.41
N VAL B 405 -29.11 12.63 21.60
CA VAL B 405 -28.30 13.76 22.02
C VAL B 405 -28.75 14.98 21.22
N GLN B 406 -28.95 16.10 21.90
CA GLN B 406 -29.27 17.35 21.22
C GLN B 406 -28.11 17.75 20.32
N PRO B 407 -28.36 18.23 19.10
CA PRO B 407 -27.23 18.81 18.36
C PRO B 407 -26.72 20.03 19.12
N THR B 408 -25.40 20.08 19.28
CA THR B 408 -24.73 21.07 20.11
C THR B 408 -23.72 21.87 19.29
N LEU B 409 -23.74 23.19 19.49
CA LEU B 409 -22.78 24.11 18.87
C LEU B 409 -21.97 24.82 19.95
N VAL B 410 -20.63 24.82 19.79
CA VAL B 410 -19.70 25.35 20.77
C VAL B 410 -18.84 26.42 20.12
N ARG B 411 -18.67 27.55 20.82
CA ARG B 411 -17.88 28.69 20.38
C ARG B 411 -16.88 29.01 21.49
N ASP B 412 -15.88 29.84 21.16
CA ASP B 412 -14.86 30.26 22.13
C ASP B 412 -14.21 29.04 22.78
N LEU B 413 -13.90 28.06 21.95
CA LEU B 413 -13.38 26.79 22.45
C LEU B 413 -11.89 26.91 22.76
N ASP B 414 -11.47 26.26 23.85
CA ASP B 414 -10.04 26.13 24.14
C ASP B 414 -9.40 25.24 23.08
N GLU B 415 -8.40 25.77 22.34
CA GLU B 415 -7.88 25.01 21.19
C GLU B 415 -7.01 23.83 21.63
N ASN B 416 -6.59 23.76 22.89
CA ASN B 416 -5.95 22.54 23.36
C ASN B 416 -6.93 21.60 24.05
N SER B 417 -8.22 21.92 24.00
CA SER B 417 -9.27 21.02 24.45
C SER B 417 -9.31 19.75 23.59
N PRO B 418 -9.55 18.58 24.19
CA PRO B 418 -9.65 17.36 23.37
C PRO B 418 -10.81 17.38 22.41
N LEU B 419 -11.83 18.19 22.67
CA LEU B 419 -12.96 18.28 21.76
C LEU B 419 -12.47 18.52 20.33
N VAL B 420 -11.58 19.49 20.16
CA VAL B 420 -11.07 19.85 18.86
C VAL B 420 -9.86 19.01 18.47
N ARG B 421 -9.05 18.59 19.43
CA ARG B 421 -7.86 17.80 19.10
C ARG B 421 -8.26 16.38 18.65
N GLU B 422 -9.22 15.77 19.32
CA GLU B 422 -9.64 14.40 19.01
C GLU B 422 -10.96 14.36 18.22
N GLU B 423 -11.20 13.22 17.57
CA GLU B 423 -12.39 13.03 16.75
C GLU B 423 -13.63 12.82 17.62
N THR B 424 -14.69 13.53 17.28
CA THR B 424 -15.95 13.50 18.01
C THR B 424 -17.03 12.92 17.10
N PHE B 425 -17.39 11.66 17.30
CA PHE B 425 -18.38 10.99 16.45
C PHE B 425 -19.80 11.21 17.01
N ALA B 426 -20.12 12.48 17.20
CA ALA B 426 -21.34 12.87 17.87
C ALA B 426 -21.71 14.27 17.39
N PRO B 427 -22.97 14.68 17.56
CA PRO B 427 -23.40 15.97 17.01
C PRO B 427 -23.03 17.14 17.91
N ILE B 428 -21.74 17.26 18.19
CA ILE B 428 -21.15 18.37 18.93
C ILE B 428 -20.06 18.97 18.06
N ARG B 429 -20.22 20.24 17.68
CA ARG B 429 -19.34 20.91 16.73
C ARG B 429 -18.90 22.27 17.27
N SER B 430 -17.71 22.71 16.85
CA SER B 430 -17.12 23.95 17.36
C SER B 430 -16.79 24.94 16.24
N VAL B 431 -17.04 26.21 16.52
CA VAL B 431 -16.65 27.30 15.64
C VAL B 431 -15.52 28.05 16.34
N MET B 432 -14.43 28.27 15.63
CA MET B 432 -13.26 28.89 16.21
C MET B 432 -12.82 30.06 15.34
N LEU B 433 -12.36 31.12 16.01
CA LEU B 433 -11.95 32.34 15.35
C LEU B 433 -10.50 32.22 14.89
N TYR B 434 -10.21 32.82 13.73
CA TYR B 434 -8.84 32.90 13.27
C TYR B 434 -8.53 34.34 12.88
N ASP B 435 -7.27 34.74 13.10
CA ASP B 435 -6.86 36.10 12.85
C ASP B 435 -6.13 36.29 11.53
N ASP B 436 -5.59 35.22 10.97
CA ASP B 436 -4.80 35.25 9.75
C ASP B 436 -5.20 34.01 8.95
N LEU B 437 -5.21 34.12 7.62
CA LEU B 437 -5.48 32.93 6.83
C LEU B 437 -4.44 31.84 7.09
N ASP B 438 -3.16 32.23 7.18
CA ASP B 438 -2.11 31.26 7.46
C ASP B 438 -2.31 30.62 8.84
N ASP B 439 -2.76 31.42 9.82
CA ASP B 439 -3.08 30.88 11.13
C ASP B 439 -4.21 29.84 11.05
N ALA B 440 -5.23 30.11 10.23
CA ALA B 440 -6.32 29.15 10.10
C ALA B 440 -5.84 27.86 9.45
N ILE B 441 -4.99 27.97 8.42
CA ILE B 441 -4.53 26.78 7.71
C ILE B 441 -3.69 25.90 8.63
N GLU B 442 -2.81 26.51 9.42
CA GLU B 442 -1.97 25.68 10.27
C GLU B 442 -2.74 25.12 11.45
N ARG B 443 -3.78 25.79 11.92
CA ARG B 443 -4.58 25.15 12.98
C ARG B 443 -5.50 24.08 12.42
N ALA B 444 -5.88 24.21 11.14
CA ALA B 444 -6.57 23.13 10.44
C ALA B 444 -5.68 21.90 10.30
N ASN B 445 -4.41 22.11 10.01
CA ASN B 445 -3.51 21.00 9.80
C ASN B 445 -2.90 20.47 11.09
N ASP B 446 -3.04 21.19 12.21
CA ASP B 446 -2.45 20.72 13.47
C ASP B 446 -3.33 19.62 14.05
N THR B 447 -3.31 18.51 13.35
CA THR B 447 -4.11 17.35 13.73
C THR B 447 -3.41 16.17 13.12
N GLN B 448 -3.62 15.01 13.69
CA GLN B 448 -3.02 13.84 13.11
C GLN B 448 -3.82 13.28 11.94
N TYR B 449 -4.99 13.86 11.63
CA TYR B 449 -5.96 13.15 10.77
C TYR B 449 -5.80 13.37 9.26
N GLY B 450 -6.04 14.55 8.77
CA GLY B 450 -6.00 14.66 7.31
C GLY B 450 -6.85 13.73 6.42
N LEU B 451 -8.15 13.56 6.70
CA LEU B 451 -8.98 12.81 5.76
C LEU B 451 -9.64 13.73 4.72
N GLY B 452 -10.31 14.80 5.18
CA GLY B 452 -10.97 15.74 4.30
C GLY B 452 -10.99 17.13 4.90
N GLY B 453 -11.29 18.10 4.06
CA GLY B 453 -11.41 19.48 4.51
C GLY B 453 -12.18 20.30 3.51
N SER B 454 -12.61 21.49 3.94
CA SER B 454 -13.31 22.34 3.00
C SER B 454 -13.01 23.80 3.26
N VAL B 455 -13.16 24.59 2.21
CA VAL B 455 -12.98 26.03 2.23
C VAL B 455 -14.23 26.64 1.63
N TRP B 456 -14.74 27.71 2.25
CA TRP B 456 -16.00 28.36 1.84
C TRP B 456 -15.76 29.83 1.54
N GLY B 457 -16.05 30.25 0.31
CA GLY B 457 -15.86 31.63 -0.03
C GLY B 457 -16.38 31.97 -1.41
N SER B 458 -16.49 33.28 -1.65
CA SER B 458 -16.96 33.80 -2.92
C SER B 458 -15.88 33.76 -3.99
N ASP B 459 -14.62 33.89 -3.60
CA ASP B 459 -13.49 33.89 -4.54
C ASP B 459 -13.01 32.46 -4.72
N VAL B 460 -13.42 31.82 -5.81
CA VAL B 460 -13.19 30.38 -5.95
C VAL B 460 -11.72 30.08 -6.23
N GLU B 461 -11.02 30.94 -6.97
CA GLU B 461 -9.61 30.65 -7.21
C GLU B 461 -8.79 30.82 -5.93
N ARG B 462 -9.11 31.84 -5.14
CA ARG B 462 -8.50 31.96 -3.82
C ARG B 462 -8.90 30.80 -2.91
N ALA B 463 -10.17 30.39 -2.98
CA ALA B 463 -10.64 29.27 -2.17
C ALA B 463 -9.86 28.01 -2.51
N ILE B 464 -9.59 27.77 -3.79
CA ILE B 464 -8.80 26.61 -4.20
C ILE B 464 -7.35 26.76 -3.74
N GLU B 465 -6.79 27.96 -3.84
CA GLU B 465 -5.43 28.13 -3.32
C GLU B 465 -5.39 27.68 -1.87
N VAL B 466 -6.41 28.07 -1.07
CA VAL B 466 -6.47 27.64 0.32
C VAL B 466 -6.71 26.14 0.44
N GLY B 467 -7.62 25.58 -0.35
CA GLY B 467 -7.90 24.16 -0.25
C GLY B 467 -6.68 23.31 -0.49
N ALA B 468 -5.81 23.75 -1.42
CA ALA B 468 -4.58 23.04 -1.74
C ALA B 468 -3.61 23.00 -0.56
N ARG B 469 -3.68 23.99 0.32
CA ARG B 469 -2.82 24.04 1.48
C ARG B 469 -3.24 23.09 2.60
N LEU B 470 -4.41 22.48 2.51
CA LEU B 470 -4.83 21.54 3.53
C LEU B 470 -4.19 20.16 3.35
N ASN B 471 -3.71 19.60 4.46
CA ASN B 471 -3.06 18.27 4.44
C ASN B 471 -4.14 17.21 4.59
N VAL B 472 -4.83 16.96 3.48
CA VAL B 472 -5.98 16.05 3.47
C VAL B 472 -6.03 15.29 2.15
N GLY B 473 -6.80 14.21 2.15
CA GLY B 473 -7.03 13.48 0.92
C GLY B 473 -7.97 14.23 -0.02
N THR B 474 -9.01 14.86 0.51
CA THR B 474 -9.95 15.60 -0.33
C THR B 474 -10.26 16.97 0.24
N SER B 475 -10.14 17.99 -0.61
CA SER B 475 -10.45 19.38 -0.29
C SER B 475 -11.68 19.82 -1.07
N TRP B 476 -12.83 19.92 -0.40
CA TRP B 476 -14.06 20.40 -1.03
C TRP B 476 -14.13 21.93 -0.96
N ILE B 477 -14.55 22.54 -2.06
CA ILE B 477 -14.69 23.99 -2.14
C ILE B 477 -16.18 24.32 -2.28
N ASN B 478 -16.73 24.95 -1.25
CA ASN B 478 -18.12 25.40 -1.20
C ASN B 478 -19.12 24.27 -1.04
N HIS B 479 -18.69 23.17 -0.45
CA HIS B 479 -19.52 22.04 0.00
C HIS B 479 -18.59 21.21 0.88
N HIS B 480 -19.04 19.99 1.21
CA HIS B 480 -18.25 19.03 1.97
C HIS B 480 -18.82 17.66 1.66
N PHE B 481 -18.02 16.62 1.92
CA PHE B 481 -18.51 15.23 1.90
C PHE B 481 -19.20 14.87 0.57
N GLN B 482 -18.45 14.96 -0.53
CA GLN B 482 -18.98 14.44 -1.79
C GLN B 482 -18.13 13.26 -2.21
N LEU B 483 -18.79 12.09 -2.32
CA LEU B 483 -18.17 10.86 -2.76
C LEU B 483 -18.84 10.41 -4.05
N THR B 484 -18.05 10.20 -5.10
CA THR B 484 -18.56 9.67 -6.35
C THR B 484 -17.64 8.56 -6.85
N PRO B 485 -18.19 7.54 -7.51
CA PRO B 485 -17.37 6.33 -7.81
C PRO B 485 -16.18 6.59 -8.71
N ASP B 486 -16.24 7.62 -9.57
CA ASP B 486 -15.17 7.97 -10.49
C ASP B 486 -14.07 8.85 -9.90
N VAL B 487 -14.20 9.31 -8.66
CA VAL B 487 -13.24 10.23 -8.04
C VAL B 487 -12.64 9.58 -6.82
N PRO B 488 -11.31 9.59 -6.67
CA PRO B 488 -10.65 8.93 -5.53
C PRO B 488 -11.01 9.53 -4.17
N PHE B 489 -11.27 8.64 -3.21
CA PHE B 489 -11.50 9.03 -1.82
C PHE B 489 -10.47 8.34 -0.95
N GLY B 490 -9.66 9.12 -0.26
CA GLY B 490 -8.61 8.56 0.58
C GLY B 490 -8.14 9.55 1.61
N GLY B 491 -7.43 9.04 2.59
CA GLY B 491 -6.90 9.83 3.68
C GLY B 491 -5.39 9.70 3.76
N ILE B 492 -4.75 10.78 4.20
CA ILE B 492 -3.31 10.77 4.47
C ILE B 492 -3.11 10.80 5.98
N LYS B 493 -1.85 10.90 6.42
CA LYS B 493 -1.48 10.96 7.84
C LYS B 493 -2.05 9.73 8.53
N GLN B 494 -2.75 9.89 9.65
CA GLN B 494 -3.32 8.81 10.43
C GLN B 494 -4.73 8.45 10.00
N SER B 495 -5.16 8.93 8.84
CA SER B 495 -6.51 8.72 8.39
C SER B 495 -6.67 7.62 7.35
N GLY B 496 -5.58 7.10 6.78
CA GLY B 496 -5.75 6.06 5.79
C GLY B 496 -4.46 5.71 5.10
N LEU B 497 -4.55 4.63 4.29
CA LEU B 497 -3.43 4.10 3.53
C LEU B 497 -3.65 4.15 2.03
N GLY B 498 -4.79 3.69 1.52
CA GLY B 498 -5.00 3.60 0.09
C GLY B 498 -5.98 4.62 -0.45
N ALA B 499 -6.58 4.28 -1.57
CA ALA B 499 -7.63 5.06 -2.22
C ALA B 499 -8.86 4.17 -2.35
N GLU B 500 -10.06 4.75 -2.27
CA GLU B 500 -11.26 3.91 -2.30
C GLU B 500 -11.89 3.77 -3.69
N PHE B 501 -12.05 4.85 -4.46
CA PHE B 501 -12.77 4.75 -5.74
C PHE B 501 -11.92 5.31 -6.88
N GLY B 502 -12.44 5.25 -8.11
CA GLY B 502 -11.72 5.78 -9.24
C GLY B 502 -10.80 4.73 -9.86
N ARG B 503 -9.89 5.19 -10.72
CA ARG B 503 -8.86 4.28 -11.20
C ARG B 503 -7.90 3.92 -10.05
N SER B 504 -7.47 4.90 -9.27
CA SER B 504 -6.84 4.62 -7.99
C SER B 504 -7.88 3.92 -7.10
N GLY B 505 -7.49 2.86 -6.44
CA GLY B 505 -8.52 2.23 -5.65
C GLY B 505 -9.15 1.10 -6.43
N ILE B 506 -9.53 1.29 -7.70
CA ILE B 506 -9.83 0.03 -8.34
C ILE B 506 -8.54 -0.68 -8.69
N GLU B 507 -7.48 0.05 -9.00
CA GLU B 507 -6.21 -0.64 -9.17
C GLU B 507 -5.72 -1.20 -7.85
N GLU B 508 -6.23 -0.67 -6.73
CA GLU B 508 -5.90 -1.24 -5.43
C GLU B 508 -6.37 -2.68 -5.31
N PHE B 509 -7.44 -3.04 -6.02
CA PHE B 509 -7.98 -4.39 -5.96
C PHE B 509 -7.33 -5.32 -6.97
N THR B 510 -6.33 -4.86 -7.70
CA THR B 510 -5.61 -5.72 -8.62
C THR B 510 -4.12 -5.67 -8.31
N ASN B 511 -3.43 -6.66 -8.86
CA ASN B 511 -1.98 -6.76 -8.85
C ASN B 511 -1.47 -6.55 -10.27
N VAL B 512 -0.31 -5.92 -10.38
CA VAL B 512 0.32 -5.72 -11.67
C VAL B 512 1.08 -7.00 -12.04
N HIS B 513 0.91 -7.46 -13.27
CA HIS B 513 1.70 -8.56 -13.84
C HIS B 513 2.33 -8.11 -15.15
N VAL B 514 3.67 -7.99 -15.17
CA VAL B 514 4.38 -7.56 -16.36
C VAL B 514 4.81 -8.81 -17.13
N VAL B 515 4.50 -8.84 -18.42
CA VAL B 515 4.94 -9.89 -19.33
C VAL B 515 5.90 -9.21 -20.30
N ASN B 516 7.17 -9.58 -20.21
CA ASN B 516 8.25 -8.93 -20.94
C ASN B 516 8.97 -9.94 -21.82
N LEU B 517 8.83 -9.78 -23.13
CA LEU B 517 9.39 -10.69 -24.11
C LEU B 517 10.59 -10.03 -24.76
N LYS B 518 11.72 -10.76 -24.79
CA LYS B 518 12.92 -10.33 -25.50
C LYS B 518 12.87 -10.94 -26.90
N ARG B 519 13.05 -10.11 -27.91
CA ARG B 519 13.05 -10.59 -29.29
C ARG B 519 14.45 -10.70 -29.88
#